data_6BNI
#
_entry.id   6BNI
#
_cell.length_a   117.870
_cell.length_b   142.630
_cell.length_c   72.910
_cell.angle_alpha   90.00
_cell.angle_beta   90.00
_cell.angle_gamma   90.00
#
_symmetry.space_group_name_H-M   'P 21 21 2'
#
loop_
_entity.id
_entity.type
_entity.pdbx_description
1 polymer 'Lysine--tRNA ligase'
2 non-polymer LYSINE
3 non-polymer ADENOSINE
4 non-polymer 'SULFATE ION'
5 non-polymer 1,2-ETHANEDIOL
6 non-polymer 'SODIUM ION'
7 water water
#
_entity_poly.entity_id   1
_entity_poly.type   'polypeptide(L)'
_entity_poly.pdbx_seq_one_letter_code
;MAHHHHHHMGTLEAQTQGPGSHYTDNRYKMMECIKDAGRPFYPHKFKISMSLPAYALKYGNVENGYIDKDTTLSLSGRVT
SIRSSSSKLIFYDIFCEEQKVQIIANIMEHDISTGEFSVSHSEIRRGDVVGFTGFPGKSKRGELSLFSKSVVLLSPCYHM
LPTAISGLKDQEVRYRQRYLDLMLNEESRKVFKLRSRAIKYIRNYFDRLGFLEVETPMLNMIYGGAAARPFITYHNELET
QLYMRIAPELYLKQLIVGGLDKVYEIGKNFRNEGIDLTHNPEFTAMEFYMAYADYYDLMDLTEELISGLVLEIHGSLKIP
YHPDGPEGKCIEIDFTTPWKRFSFVEEIESGLGEKLKRPLDSQENIDFMVEMCEKHEIELPHPRTAAKLLDKLAGHFVET
KCTNPSFIIDHPQTMSPLAKWHREKPEMTERFELFVLGKELCNAYTELNEPLQQRKFFEQQADAKASGDVEACPIDETFC
LALEHGLPPTGGWGLGIDRLIMFLADKNNIKEVILFPAMRNVKQNAQHSNQHSGN
;
_entity_poly.pdbx_strand_id   A,B
#
loop_
_chem_comp.id
_chem_comp.type
_chem_comp.name
_chem_comp.formula
ADN non-polymer ADENOSINE 'C10 H13 N5 O4'
EDO non-polymer 1,2-ETHANEDIOL 'C2 H6 O2'
NA non-polymer 'SODIUM ION' 'Na 1'
SO4 non-polymer 'SULFATE ION' 'O4 S -2'
#
# COMPACT_ATOMS: atom_id res chain seq x y z
N GLY A 20 -28.24 29.26 8.32
CA GLY A 20 -27.71 27.90 8.25
C GLY A 20 -28.21 27.14 7.05
N SER A 21 -29.44 26.65 7.12
CA SER A 21 -30.09 26.11 5.93
C SER A 21 -30.40 27.22 4.94
N HIS A 22 -30.81 28.39 5.46
CA HIS A 22 -31.06 29.54 4.59
C HIS A 22 -29.81 29.95 3.83
N TYR A 23 -28.64 29.88 4.49
CA TYR A 23 -27.40 30.29 3.84
C TYR A 23 -27.09 29.40 2.62
N THR A 24 -27.23 28.09 2.78
CA THR A 24 -26.97 27.17 1.67
C THR A 24 -27.96 27.38 0.54
N ASP A 25 -29.26 27.47 0.88
CA ASP A 25 -30.29 27.77 -0.11
C ASP A 25 -29.98 29.04 -0.87
N ASN A 26 -29.65 30.12 -0.14
CA ASN A 26 -29.40 31.40 -0.79
C ASN A 26 -28.14 31.37 -1.63
N ARG A 27 -27.15 30.55 -1.24
CA ARG A 27 -25.93 30.46 -2.05
C ARG A 27 -26.19 29.76 -3.36
N TYR A 28 -27.03 28.71 -3.34
CA TYR A 28 -27.45 28.10 -4.60
C TYR A 28 -28.21 29.10 -5.47
N LYS A 29 -29.01 29.95 -4.85
CA LYS A 29 -29.74 30.96 -5.61
C LYS A 29 -28.79 32.02 -6.18
N MET A 30 -27.73 32.37 -5.44
CA MET A 30 -26.73 33.25 -6.03
C MET A 30 -26.07 32.62 -7.24
N MET A 31 -25.72 31.33 -7.15
CA MET A 31 -25.00 30.69 -8.24
C MET A 31 -25.86 30.53 -9.48
N GLU A 32 -27.17 30.29 -9.29
CA GLU A 32 -28.07 30.28 -10.44
C GLU A 32 -28.18 31.67 -11.05
N CYS A 33 -28.23 32.70 -10.21
CA CYS A 33 -28.23 34.07 -10.71
CA CYS A 33 -28.24 34.07 -10.72
C CYS A 33 -26.96 34.36 -11.51
N ILE A 34 -25.81 33.92 -10.98
CA ILE A 34 -24.54 34.12 -11.68
C ILE A 34 -24.59 33.45 -13.04
N LYS A 35 -25.02 32.18 -13.06
CA LYS A 35 -24.95 31.38 -14.28
C LYS A 35 -25.88 31.94 -15.35
N ASP A 36 -27.07 32.40 -14.95
CA ASP A 36 -28.04 32.95 -15.88
C ASP A 36 -27.75 34.41 -16.25
N ALA A 37 -26.84 35.07 -15.54
CA ALA A 37 -26.39 36.40 -15.94
C ALA A 37 -25.17 36.34 -16.86
N GLY A 38 -24.76 35.15 -17.29
CA GLY A 38 -23.61 35.01 -18.16
C GLY A 38 -22.27 35.22 -17.48
N ARG A 39 -22.22 35.25 -16.17
CA ARG A 39 -20.98 35.54 -15.46
C ARG A 39 -20.23 34.24 -15.14
N PRO A 40 -18.94 34.33 -14.75
CA PRO A 40 -18.14 33.10 -14.55
C PRO A 40 -18.77 32.09 -13.60
N PHE A 41 -19.00 30.88 -14.12
CA PHE A 41 -19.66 29.80 -13.38
C PHE A 41 -18.74 28.58 -13.43
N TYR A 42 -18.05 28.32 -12.32
CA TYR A 42 -17.15 27.19 -12.20
C TYR A 42 -16.13 27.09 -13.34
N PRO A 43 -15.25 28.08 -13.50
CA PRO A 43 -14.24 28.03 -14.56
C PRO A 43 -13.46 26.72 -14.56
N HIS A 44 -13.18 26.21 -15.76
CA HIS A 44 -12.51 24.92 -15.88
C HIS A 44 -11.05 25.00 -15.48
N LYS A 45 -10.37 26.08 -15.87
CA LYS A 45 -8.93 26.17 -15.66
C LYS A 45 -8.58 27.58 -15.23
N PHE A 46 -7.93 27.69 -14.07
CA PHE A 46 -7.29 28.91 -13.61
C PHE A 46 -5.79 28.67 -13.57
N LYS A 47 -5.03 29.45 -14.35
CA LYS A 47 -3.57 29.28 -14.44
C LYS A 47 -2.88 30.16 -13.41
N ILE A 48 -2.39 29.56 -12.32
CA ILE A 48 -1.66 30.36 -11.33
C ILE A 48 -0.26 30.66 -11.83
N SER A 49 0.26 31.81 -11.41
CA SER A 49 1.63 32.17 -11.77
C SER A 49 2.64 31.43 -10.90
N MET A 50 2.29 31.17 -9.65
CA MET A 50 3.14 30.48 -8.70
C MET A 50 2.28 30.13 -7.51
N SER A 51 2.79 29.23 -6.67
CA SER A 51 2.09 28.86 -5.46
C SER A 51 2.18 29.99 -4.43
N LEU A 52 1.29 29.95 -3.44
CA LEU A 52 1.42 30.93 -2.37
C LEU A 52 2.73 30.78 -1.60
N PRO A 53 3.23 29.57 -1.30
CA PRO A 53 4.58 29.49 -0.70
C PRO A 53 5.66 30.11 -1.55
N ALA A 54 5.62 29.90 -2.87
CA ALA A 54 6.59 30.51 -3.74
C ALA A 54 6.46 32.03 -3.75
N TYR A 55 5.22 32.52 -3.73
CA TYR A 55 4.97 33.95 -3.67
C TYR A 55 5.56 34.57 -2.41
N ALA A 56 5.35 33.92 -1.26
CA ALA A 56 5.90 34.46 -0.03
C ALA A 56 7.42 34.39 -0.02
N LEU A 57 7.98 33.33 -0.61
CA LEU A 57 9.44 33.23 -0.67
C LEU A 57 10.01 34.35 -1.53
N LYS A 58 9.34 34.66 -2.64
CA LYS A 58 9.86 35.68 -3.56
C LYS A 58 9.66 37.09 -3.01
N TYR A 59 8.50 37.38 -2.42
CA TYR A 59 8.15 38.76 -2.09
C TYR A 59 8.07 39.05 -0.61
N GLY A 60 8.27 38.06 0.26
CA GLY A 60 8.05 38.29 1.68
C GLY A 60 9.00 39.27 2.34
N ASN A 61 10.13 39.58 1.70
CA ASN A 61 11.12 40.46 2.31
C ASN A 61 11.24 41.81 1.62
N VAL A 62 10.33 42.15 0.70
CA VAL A 62 10.38 43.51 0.16
C VAL A 62 10.06 44.53 1.25
N GLU A 63 10.39 45.78 0.97
CA GLU A 63 10.15 46.84 1.94
C GLU A 63 8.67 47.14 2.01
N ASN A 64 8.22 47.64 3.16
CA ASN A 64 6.82 48.04 3.30
C ASN A 64 6.44 49.02 2.19
N GLY A 65 5.29 48.78 1.57
CA GLY A 65 4.80 49.66 0.53
C GLY A 65 5.29 49.35 -0.87
N TYR A 66 6.21 48.40 -1.01
CA TYR A 66 6.74 48.06 -2.33
C TYR A 66 5.64 47.49 -3.19
N ILE A 67 5.60 47.92 -4.45
CA ILE A 67 4.68 47.33 -5.42
C ILE A 67 5.40 47.29 -6.76
N ASP A 68 5.31 46.15 -7.45
CA ASP A 68 5.92 46.01 -8.77
C ASP A 68 4.78 46.02 -9.78
N LYS A 69 4.49 47.20 -10.31
CA LYS A 69 3.42 47.37 -11.30
C LYS A 69 3.80 46.87 -12.68
N ASP A 70 5.05 46.46 -12.90
CA ASP A 70 5.46 45.88 -14.17
C ASP A 70 5.32 44.37 -14.21
N THR A 71 4.81 43.76 -13.13
CA THR A 71 4.66 42.32 -13.04
C THR A 71 3.23 41.99 -12.66
N THR A 72 2.56 41.21 -13.51
CA THR A 72 1.20 40.77 -13.26
C THR A 72 1.19 39.28 -12.98
N LEU A 73 0.55 38.89 -11.88
CA LEU A 73 0.60 37.53 -11.37
C LEU A 73 -0.81 37.07 -11.01
N SER A 74 -1.06 35.77 -11.18
CA SER A 74 -2.33 35.16 -10.81
C SER A 74 -2.10 34.21 -9.64
N LEU A 75 -2.91 34.36 -8.59
CA LEU A 75 -2.81 33.54 -7.39
C LEU A 75 -4.19 33.00 -7.05
N SER A 76 -4.22 31.89 -6.31
CA SER A 76 -5.50 31.34 -5.89
C SER A 76 -5.35 30.66 -4.53
N GLY A 77 -6.44 30.68 -3.78
CA GLY A 77 -6.52 29.95 -2.54
C GLY A 77 -7.93 29.99 -2.01
N ARG A 78 -8.11 29.57 -0.76
CA ARG A 78 -9.41 29.67 -0.11
C ARG A 78 -9.47 30.96 0.68
N VAL A 79 -10.58 31.69 0.56
CA VAL A 79 -10.78 32.94 1.29
C VAL A 79 -10.98 32.63 2.77
N THR A 80 -10.12 33.21 3.62
CA THR A 80 -10.28 33.07 5.05
C THR A 80 -10.70 34.38 5.73
N SER A 81 -10.68 35.49 5.01
CA SER A 81 -11.07 36.76 5.58
C SER A 81 -11.55 37.69 4.48
N ILE A 82 -12.62 38.42 4.74
CA ILE A 82 -13.05 39.52 3.88
C ILE A 82 -13.33 40.74 4.76
N ARG A 83 -12.70 41.86 4.44
CA ARG A 83 -13.15 43.12 5.06
C ARG A 83 -13.06 44.27 4.07
N SER A 84 -14.04 45.15 4.13
CA SER A 84 -14.08 46.37 3.32
C SER A 84 -13.79 47.56 4.23
N SER A 85 -12.72 48.29 3.92
CA SER A 85 -12.49 49.53 4.64
C SER A 85 -13.31 50.68 4.09
N SER A 86 -13.75 50.58 2.84
CA SER A 86 -14.59 51.58 2.23
C SER A 86 -15.30 50.95 1.03
N SER A 87 -16.13 51.76 0.38
CA SER A 87 -16.79 51.36 -0.85
CA SER A 87 -16.79 51.32 -0.84
C SER A 87 -15.81 51.04 -1.97
N LYS A 88 -14.57 51.51 -1.85
CA LYS A 88 -13.60 51.41 -2.93
C LYS A 88 -12.43 50.48 -2.61
N LEU A 89 -12.39 49.86 -1.43
CA LEU A 89 -11.22 49.13 -0.98
C LEU A 89 -11.63 47.91 -0.18
N ILE A 90 -11.26 46.73 -0.67
CA ILE A 90 -11.61 45.45 -0.04
C ILE A 90 -10.31 44.70 0.25
N PHE A 91 -10.24 44.07 1.42
CA PHE A 91 -9.10 43.27 1.83
C PHE A 91 -9.51 41.81 1.98
N TYR A 92 -8.81 40.92 1.29
CA TYR A 92 -8.98 39.49 1.46
C TYR A 92 -7.73 38.88 2.06
N ASP A 93 -7.92 37.81 2.82
CA ASP A 93 -6.88 36.82 3.04
C ASP A 93 -7.26 35.56 2.27
N ILE A 94 -6.29 35.00 1.53
CA ILE A 94 -6.47 33.68 0.94
C ILE A 94 -5.40 32.76 1.49
N PHE A 95 -5.70 31.48 1.51
CA PHE A 95 -4.82 30.51 2.16
C PHE A 95 -4.67 29.32 1.24
N CYS A 96 -3.43 28.86 1.05
CA CYS A 96 -3.19 27.71 0.20
C CYS A 96 -1.81 27.16 0.49
N GLU A 97 -1.70 25.83 0.54
CA GLU A 97 -0.42 25.15 0.77
C GLU A 97 0.34 25.74 1.95
N GLU A 98 -0.39 25.95 3.05
CA GLU A 98 0.10 26.43 4.34
C GLU A 98 0.54 27.88 4.34
N GLN A 99 0.16 28.68 3.34
CA GLN A 99 0.59 30.08 3.27
C GLN A 99 -0.61 31.01 3.11
N LYS A 100 -0.62 32.09 3.89
CA LYS A 100 -1.62 33.14 3.77
C LYS A 100 -1.05 34.31 2.95
N VAL A 101 -1.87 34.87 2.07
CA VAL A 101 -1.52 36.09 1.36
C VAL A 101 -2.71 37.05 1.43
N GLN A 102 -2.43 38.33 1.68
CA GLN A 102 -3.47 39.35 1.64
C GLN A 102 -3.68 39.84 0.23
N ILE A 103 -4.93 40.03 -0.16
CA ILE A 103 -5.30 40.63 -1.44
C ILE A 103 -5.91 41.99 -1.14
N ILE A 104 -5.37 43.04 -1.78
CA ILE A 104 -5.89 44.40 -1.65
C ILE A 104 -6.53 44.75 -2.98
N ALA A 105 -7.86 44.91 -2.98
CA ALA A 105 -8.64 45.19 -4.19
C ALA A 105 -9.14 46.64 -4.13
N ASN A 106 -8.48 47.51 -4.88
CA ASN A 106 -8.81 48.92 -5.00
C ASN A 106 -9.60 49.14 -6.28
N ILE A 107 -10.73 49.84 -6.19
CA ILE A 107 -11.57 50.03 -7.37
C ILE A 107 -10.78 50.69 -8.50
N MET A 108 -9.78 51.50 -8.18
CA MET A 108 -8.99 52.18 -9.21
C MET A 108 -8.17 51.22 -10.05
N GLU A 109 -7.89 50.01 -9.58
CA GLU A 109 -7.13 49.04 -10.36
C GLU A 109 -8.02 48.00 -11.04
N HIS A 110 -9.34 48.09 -10.89
CA HIS A 110 -10.20 46.99 -11.28
C HIS A 110 -10.33 46.91 -12.80
N ASP A 111 -10.19 45.70 -13.33
CA ASP A 111 -10.31 45.46 -14.77
C ASP A 111 -11.80 45.32 -15.12
N ILE A 112 -12.34 46.31 -15.83
CA ILE A 112 -13.79 46.32 -16.07
C ILE A 112 -14.24 45.30 -17.09
N SER A 113 -13.33 44.73 -17.87
CA SER A 113 -13.74 43.66 -18.77
C SER A 113 -14.23 42.44 -18.01
N THR A 114 -13.91 42.33 -16.73
CA THR A 114 -14.42 41.26 -15.87
C THR A 114 -15.71 41.63 -15.16
N GLY A 115 -16.24 42.83 -15.37
CA GLY A 115 -17.46 43.27 -14.72
C GLY A 115 -17.22 44.46 -13.82
N GLU A 116 -18.33 45.03 -13.34
CA GLU A 116 -18.27 46.15 -12.43
C GLU A 116 -17.67 45.70 -11.10
N PHE A 117 -16.84 46.57 -10.51
CA PHE A 117 -16.15 46.26 -9.27
C PHE A 117 -17.10 45.74 -8.20
N SER A 118 -18.17 46.48 -7.93
CA SER A 118 -19.09 46.10 -6.85
C SER A 118 -19.76 44.76 -7.14
N VAL A 119 -20.08 44.51 -8.42
CA VAL A 119 -20.71 43.25 -8.79
C VAL A 119 -19.72 42.08 -8.64
N SER A 120 -18.50 42.27 -9.15
CA SER A 120 -17.49 41.22 -9.06
C SER A 120 -17.27 40.76 -7.62
N HIS A 121 -17.18 41.70 -6.69
CA HIS A 121 -16.85 41.34 -5.32
C HIS A 121 -18.07 40.93 -4.49
N SER A 122 -19.26 41.33 -4.89
CA SER A 122 -20.47 40.90 -4.19
C SER A 122 -20.70 39.39 -4.30
N GLU A 123 -20.03 38.71 -5.22
CA GLU A 123 -20.21 37.29 -5.44
C GLU A 123 -19.32 36.44 -4.54
N ILE A 124 -18.41 37.04 -3.79
CA ILE A 124 -17.39 36.32 -3.03
C ILE A 124 -17.80 36.23 -1.57
N ARG A 125 -17.58 35.06 -0.98
CA ARG A 125 -17.87 34.81 0.43
C ARG A 125 -16.67 34.15 1.08
N ARG A 126 -16.55 34.32 2.39
CA ARG A 126 -15.53 33.60 3.14
C ARG A 126 -15.74 32.09 2.95
N GLY A 127 -14.63 31.38 2.71
CA GLY A 127 -14.66 29.97 2.40
C GLY A 127 -14.61 29.64 0.91
N ASP A 128 -14.88 30.60 0.03
CA ASP A 128 -14.82 30.34 -1.40
C ASP A 128 -13.38 30.09 -1.87
N VAL A 129 -13.25 29.22 -2.88
CA VAL A 129 -12.00 29.09 -3.61
C VAL A 129 -12.04 30.12 -4.73
N VAL A 130 -11.03 30.99 -4.78
CA VAL A 130 -11.06 32.18 -5.62
CA VAL A 130 -11.07 32.13 -5.68
C VAL A 130 -9.69 32.34 -6.29
N GLY A 131 -9.68 33.00 -7.44
CA GLY A 131 -8.45 33.40 -8.08
C GLY A 131 -8.41 34.92 -8.12
N PHE A 132 -7.20 35.47 -8.10
CA PHE A 132 -6.98 36.91 -8.22
C PHE A 132 -5.83 37.12 -9.19
N THR A 133 -5.86 38.25 -9.89
CA THR A 133 -4.73 38.69 -10.69
CA THR A 133 -4.74 38.71 -10.71
C THR A 133 -4.37 40.11 -10.27
N GLY A 134 -3.07 40.40 -10.23
CA GLY A 134 -2.65 41.73 -9.82
C GLY A 134 -1.13 41.84 -9.71
N PHE A 135 -0.69 42.88 -8.99
CA PHE A 135 0.69 43.28 -8.83
C PHE A 135 1.22 42.85 -7.46
N PRO A 136 2.47 42.38 -7.39
CA PRO A 136 3.02 41.90 -6.12
C PRO A 136 3.60 43.02 -5.25
N GLY A 137 3.62 42.78 -3.95
CA GLY A 137 4.31 43.71 -3.08
C GLY A 137 3.90 43.54 -1.62
N LYS A 138 3.90 44.65 -0.92
CA LYS A 138 3.65 44.68 0.51
C LYS A 138 2.86 45.94 0.81
N SER A 139 1.83 45.82 1.64
CA SER A 139 1.11 46.99 2.09
C SER A 139 2.03 47.90 2.88
N LYS A 140 1.65 49.17 2.98
CA LYS A 140 2.44 50.12 3.76
C LYS A 140 2.57 49.68 5.22
N ARG A 141 1.58 48.93 5.73
CA ARG A 141 1.66 48.38 7.07
C ARG A 141 2.50 47.12 7.15
N GLY A 142 3.05 46.64 6.04
CA GLY A 142 3.99 45.54 6.05
C GLY A 142 3.45 44.17 5.76
N GLU A 143 2.21 44.07 5.24
CA GLU A 143 1.59 42.77 4.96
C GLU A 143 1.88 42.35 3.52
N LEU A 144 2.43 41.14 3.37
CA LEU A 144 2.60 40.53 2.06
C LEU A 144 1.26 40.50 1.33
N SER A 145 1.22 41.10 0.15
CA SER A 145 -0.06 41.37 -0.49
C SER A 145 0.06 41.22 -2.00
N LEU A 146 -1.10 40.98 -2.62
CA LEU A 146 -1.28 41.13 -4.05
C LEU A 146 -2.26 42.28 -4.25
N PHE A 147 -1.84 43.28 -5.03
CA PHE A 147 -2.70 44.42 -5.34
C PHE A 147 -3.48 44.06 -6.60
N SER A 148 -4.74 43.65 -6.43
CA SER A 148 -5.44 42.92 -7.47
C SER A 148 -6.12 43.85 -8.47
N LYS A 149 -6.27 43.34 -9.69
CA LYS A 149 -7.08 43.96 -10.73
C LYS A 149 -8.34 43.19 -11.06
N SER A 150 -8.45 41.94 -10.62
CA SER A 150 -9.63 41.15 -10.96
C SER A 150 -9.75 40.03 -9.94
N VAL A 151 -10.96 39.47 -9.86
CA VAL A 151 -11.27 38.36 -8.97
C VAL A 151 -12.16 37.40 -9.73
N VAL A 152 -11.94 36.11 -9.54
CA VAL A 152 -12.77 35.09 -10.19
CA VAL A 152 -12.73 35.06 -10.20
C VAL A 152 -13.17 34.06 -9.15
N LEU A 153 -14.48 33.84 -9.04
CA LEU A 153 -15.00 32.81 -8.17
C LEU A 153 -14.78 31.46 -8.83
N LEU A 154 -13.93 30.61 -8.23
CA LEU A 154 -13.63 29.31 -8.85
C LEU A 154 -14.49 28.19 -8.29
N SER A 155 -14.72 28.18 -6.98
CA SER A 155 -15.58 27.16 -6.41
C SER A 155 -16.16 27.67 -5.09
N PRO A 156 -17.43 28.06 -5.05
CA PRO A 156 -18.00 28.62 -3.82
C PRO A 156 -18.16 27.58 -2.72
N CYS A 157 -18.15 28.07 -1.49
CA CYS A 157 -18.52 27.27 -0.32
C CYS A 157 -19.97 27.59 0.04
N TYR A 158 -20.81 26.56 0.08
CA TYR A 158 -22.24 26.72 0.34
C TYR A 158 -22.60 26.70 1.82
N HIS A 159 -21.61 26.63 2.71
CA HIS A 159 -21.87 26.48 4.13
C HIS A 159 -21.12 27.55 4.90
N MET A 160 -21.72 28.03 5.99
CA MET A 160 -21.01 28.95 6.87
C MET A 160 -19.98 28.17 7.66
N LEU A 161 -18.72 28.55 7.54
CA LEU A 161 -17.64 27.82 8.18
C LEU A 161 -17.24 28.50 9.47
N PRO A 162 -16.90 27.74 10.52
CA PRO A 162 -16.21 28.34 11.66
C PRO A 162 -14.81 28.80 11.25
N THR A 163 -14.17 29.52 12.17
CA THR A 163 -12.78 29.93 11.94
C THR A 163 -11.76 28.93 12.49
N ALA A 164 -12.18 28.04 13.40
CA ALA A 164 -11.29 27.04 13.99
C ALA A 164 -12.11 25.81 14.31
N ILE A 165 -11.42 24.67 14.44
CA ILE A 165 -12.06 23.39 14.72
C ILE A 165 -12.83 23.40 16.04
N SER A 166 -12.69 24.46 16.84
CA SER A 166 -13.47 24.59 18.07
C SER A 166 -14.89 25.08 17.81
N GLY A 167 -15.15 25.62 16.62
CA GLY A 167 -16.47 26.08 16.23
C GLY A 167 -17.34 25.03 15.56
N LEU A 168 -16.90 23.78 15.51
CA LEU A 168 -17.65 22.70 14.89
C LEU A 168 -18.74 22.19 15.84
N LYS A 169 -19.72 21.48 15.27
CA LYS A 169 -20.85 20.99 16.04
C LYS A 169 -20.39 20.02 17.13
N ASP A 170 -19.82 18.89 16.72
CA ASP A 170 -19.16 17.96 17.63
C ASP A 170 -17.71 17.81 17.17
N GLN A 171 -16.86 17.26 18.04
CA GLN A 171 -15.50 16.96 17.61
C GLN A 171 -15.40 15.63 16.86
N GLU A 172 -16.51 14.90 16.76
CA GLU A 172 -16.64 13.83 15.77
C GLU A 172 -16.70 14.39 14.35
N VAL A 173 -17.05 15.66 14.20
CA VAL A 173 -17.04 16.28 12.88
C VAL A 173 -15.65 16.21 12.27
N ARG A 174 -14.60 16.36 13.09
CA ARG A 174 -13.24 16.28 12.57
C ARG A 174 -12.99 14.97 11.85
N TYR A 175 -13.57 13.88 12.34
CA TYR A 175 -13.34 12.56 11.77
C TYR A 175 -14.35 12.21 10.67
N ARG A 176 -15.60 12.65 10.81
CA ARG A 176 -16.63 12.35 9.82
C ARG A 176 -16.55 13.27 8.60
N GLN A 177 -16.02 14.47 8.78
CA GLN A 177 -15.84 15.44 7.70
C GLN A 177 -14.38 15.91 7.76
N ARG A 178 -13.46 14.98 7.46
CA ARG A 178 -12.05 15.27 7.62
C ARG A 178 -11.61 16.50 6.83
N TYR A 179 -12.28 16.80 5.72
CA TYR A 179 -11.90 17.99 4.95
C TYR A 179 -12.01 19.25 5.79
N LEU A 180 -12.96 19.28 6.74
CA LEU A 180 -13.10 20.46 7.61
C LEU A 180 -11.94 20.54 8.60
N ASP A 181 -11.56 19.40 9.18
CA ASP A 181 -10.36 19.36 10.02
C ASP A 181 -9.14 19.86 9.25
N LEU A 182 -8.93 19.32 8.05
CA LEU A 182 -7.74 19.70 7.28
C LEU A 182 -7.79 21.17 6.89
N MET A 183 -8.99 21.68 6.58
CA MET A 183 -9.12 23.07 6.16
C MET A 183 -8.81 24.05 7.29
N LEU A 184 -9.13 23.70 8.52
CA LEU A 184 -9.12 24.65 9.62
C LEU A 184 -8.02 24.41 10.65
N ASN A 185 -7.38 23.24 10.63
CA ASN A 185 -6.53 22.81 11.74
C ASN A 185 -5.14 22.48 11.21
N GLU A 186 -4.16 23.37 11.44
CA GLU A 186 -2.79 23.09 10.98
C GLU A 186 -2.22 21.84 11.65
N GLU A 187 -2.59 21.58 12.91
CA GLU A 187 -2.05 20.40 13.58
C GLU A 187 -2.46 19.10 12.88
N SER A 188 -3.67 19.04 12.33
CA SER A 188 -4.09 17.84 11.62
CA SER A 188 -4.09 17.84 11.62
C SER A 188 -3.26 17.65 10.35
N ARG A 189 -3.03 18.72 9.60
CA ARG A 189 -2.21 18.58 8.39
C ARG A 189 -0.79 18.14 8.72
N LYS A 190 -0.24 18.62 9.85
CA LYS A 190 1.12 18.24 10.24
C LYS A 190 1.22 16.75 10.52
N VAL A 191 0.18 16.15 11.11
CA VAL A 191 0.19 14.72 11.41
C VAL A 191 0.36 13.90 10.14
N PHE A 192 -0.39 14.24 9.10
CA PHE A 192 -0.36 13.44 7.90
C PHE A 192 0.89 13.69 7.08
N LYS A 193 1.53 14.85 7.22
CA LYS A 193 2.87 15.00 6.65
C LYS A 193 3.91 14.18 7.43
N LEU A 194 3.80 14.16 8.77
CA LEU A 194 4.73 13.35 9.56
C LEU A 194 4.55 11.88 9.23
N ARG A 195 3.32 11.46 8.99
CA ARG A 195 3.05 10.08 8.65
C ARG A 195 3.82 9.69 7.39
N SER A 196 3.77 10.53 6.36
CA SER A 196 4.50 10.28 5.13
C SER A 196 6.01 10.31 5.36
N ARG A 197 6.49 11.26 6.16
CA ARG A 197 7.93 11.35 6.43
C ARG A 197 8.44 10.09 7.13
N ALA A 198 7.67 9.57 8.09
CA ALA A 198 8.11 8.39 8.81
C ALA A 198 8.15 7.16 7.91
N ILE A 199 7.15 7.00 7.03
CA ILE A 199 7.13 5.85 6.15
C ILE A 199 8.26 5.94 5.13
N LYS A 200 8.57 7.14 4.63
CA LYS A 200 9.72 7.32 3.74
C LYS A 200 11.01 6.89 4.44
N TYR A 201 11.17 7.27 5.70
CA TYR A 201 12.36 6.88 6.45
C TYR A 201 12.47 5.37 6.52
N ILE A 202 11.35 4.71 6.78
CA ILE A 202 11.33 3.25 6.92
C ILE A 202 11.69 2.58 5.59
N ARG A 203 11.07 3.02 4.50
CA ARG A 203 11.44 2.43 3.20
C ARG A 203 12.93 2.60 2.92
N ASN A 204 13.46 3.81 3.16
CA ASN A 204 14.87 4.05 2.89
C ASN A 204 15.76 3.17 3.74
N TYR A 205 15.41 2.99 5.02
CA TYR A 205 16.20 2.14 5.90
C TYR A 205 16.35 0.74 5.31
N PHE A 206 15.24 0.14 4.88
CA PHE A 206 15.30 -1.22 4.36
C PHE A 206 15.84 -1.28 2.95
N ASP A 207 15.57 -0.27 2.12
CA ASP A 207 16.15 -0.24 0.78
C ASP A 207 17.67 -0.20 0.86
N ARG A 208 18.21 0.59 1.79
CA ARG A 208 19.67 0.67 1.92
C ARG A 208 20.27 -0.64 2.39
N LEU A 209 19.49 -1.45 3.11
CA LEU A 209 19.95 -2.78 3.50
C LEU A 209 19.80 -3.80 2.37
N GLY A 210 19.32 -3.41 1.20
CA GLY A 210 19.16 -4.34 0.10
C GLY A 210 17.88 -5.13 0.09
N PHE A 211 16.86 -4.68 0.81
CA PHE A 211 15.57 -5.37 0.79
C PHE A 211 14.83 -5.10 -0.51
N LEU A 212 13.93 -6.00 -0.83
CA LEU A 212 13.02 -5.87 -1.96
C LEU A 212 11.62 -5.67 -1.40
N GLU A 213 10.97 -4.57 -1.76
CA GLU A 213 9.57 -4.40 -1.41
C GLU A 213 8.69 -5.21 -2.34
N VAL A 214 7.70 -5.90 -1.76
CA VAL A 214 6.80 -6.77 -2.49
C VAL A 214 5.36 -6.44 -2.12
N GLU A 215 4.41 -7.00 -2.88
CA GLU A 215 3.00 -6.96 -2.56
C GLU A 215 2.46 -8.38 -2.62
N THR A 216 1.76 -8.81 -1.57
CA THR A 216 1.14 -10.12 -1.53
C THR A 216 -0.38 -9.95 -1.34
N PRO A 217 -1.17 -11.00 -1.60
CA PRO A 217 -2.62 -10.79 -1.74
C PRO A 217 -3.30 -10.34 -0.46
N MET A 218 -4.22 -9.40 -0.62
CA MET A 218 -5.13 -9.06 0.45
C MET A 218 -6.39 -9.92 0.46
N LEU A 219 -6.67 -10.64 -0.63
CA LEU A 219 -7.81 -11.54 -0.74
C LEU A 219 -7.27 -12.95 -0.85
N ASN A 220 -7.64 -13.83 0.07
CA ASN A 220 -7.09 -15.18 0.02
C ASN A 220 -8.17 -16.21 0.35
N MET A 221 -7.99 -17.40 -0.20
CA MET A 221 -8.92 -18.48 0.11
C MET A 221 -8.76 -18.97 1.55
N ILE A 222 -7.65 -18.64 2.21
N ILE A 222 -7.65 -18.68 2.18
CA ILE A 222 -7.35 -19.08 3.59
CA ILE A 222 -7.47 -18.95 3.57
C ILE A 222 -6.58 -18.00 4.36
C ILE A 222 -7.07 -17.63 4.22
N TYR A 223 -7.08 -17.61 5.53
CA TYR A 223 -6.47 -16.52 6.29
C TYR A 223 -5.50 -17.10 7.30
N GLY A 224 -4.53 -16.29 7.70
CA GLY A 224 -3.56 -16.79 8.67
C GLY A 224 -2.52 -15.74 9.00
N GLY A 225 -1.61 -16.13 9.88
CA GLY A 225 -0.45 -15.31 10.17
C GLY A 225 -0.58 -14.40 11.37
N ALA A 226 -1.70 -14.46 12.10
CA ALA A 226 -1.88 -13.65 13.30
C ALA A 226 -3.03 -14.25 14.10
N ALA A 227 -3.21 -13.75 15.32
CA ALA A 227 -4.35 -14.11 16.16
C ALA A 227 -5.41 -13.03 15.97
N ALA A 228 -6.28 -13.22 14.98
CA ALA A 228 -7.27 -12.20 14.67
C ALA A 228 -8.40 -12.80 13.86
N ARG A 229 -9.58 -12.23 14.03
CA ARG A 229 -10.76 -12.63 13.28
C ARG A 229 -10.79 -11.93 11.92
N PRO A 230 -11.08 -12.66 10.84
CA PRO A 230 -11.06 -12.05 9.50
C PRO A 230 -12.40 -11.48 9.06
N PHE A 231 -12.33 -10.64 8.03
CA PHE A 231 -13.49 -10.32 7.22
C PHE A 231 -13.65 -11.40 6.15
N ILE A 232 -14.89 -11.78 5.87
CA ILE A 232 -15.22 -12.82 4.91
C ILE A 232 -15.92 -12.20 3.71
N THR A 233 -15.54 -12.62 2.50
CA THR A 233 -16.23 -12.14 1.31
C THR A 233 -16.36 -13.30 0.32
N TYR A 234 -16.77 -12.98 -0.90
CA TYR A 234 -17.08 -14.01 -1.88
C TYR A 234 -16.73 -13.51 -3.27
N HIS A 235 -16.08 -14.37 -4.06
CA HIS A 235 -15.79 -14.07 -5.45
C HIS A 235 -16.82 -14.79 -6.32
N ASN A 236 -17.66 -14.01 -7.02
CA ASN A 236 -18.81 -14.58 -7.72
C ASN A 236 -18.38 -15.55 -8.82
N GLU A 237 -17.53 -15.08 -9.74
CA GLU A 237 -17.24 -15.88 -10.92
C GLU A 237 -16.41 -17.11 -10.58
N LEU A 238 -15.50 -16.99 -9.61
CA LEU A 238 -14.77 -18.15 -9.14
C LEU A 238 -15.56 -19.00 -8.16
N GLU A 239 -16.75 -18.55 -7.76
CA GLU A 239 -17.62 -19.28 -6.82
C GLU A 239 -16.83 -19.76 -5.59
N THR A 240 -16.12 -18.84 -4.95
CA THR A 240 -15.37 -19.23 -3.77
C THR A 240 -15.44 -18.13 -2.72
N GLN A 241 -15.52 -18.54 -1.46
CA GLN A 241 -15.36 -17.57 -0.38
C GLN A 241 -13.90 -17.16 -0.29
N LEU A 242 -13.69 -15.93 0.15
CA LEU A 242 -12.37 -15.38 0.34
C LEU A 242 -12.35 -14.70 1.70
N TYR A 243 -11.15 -14.54 2.24
CA TYR A 243 -10.93 -13.76 3.45
C TYR A 243 -10.04 -12.57 3.12
N MET A 244 -10.32 -11.42 3.73
CA MET A 244 -9.33 -10.35 3.77
CA MET A 244 -9.31 -10.38 3.73
C MET A 244 -8.16 -10.79 4.64
N ARG A 245 -6.94 -10.42 4.25
CA ARG A 245 -5.80 -10.89 5.02
C ARG A 245 -5.79 -10.26 6.41
N ILE A 246 -5.47 -11.06 7.42
CA ILE A 246 -5.19 -10.46 8.71
C ILE A 246 -3.71 -10.14 8.86
N ALA A 247 -2.86 -10.68 7.98
CA ALA A 247 -1.41 -10.47 7.97
C ALA A 247 -0.83 -11.08 6.69
N PRO A 248 0.26 -10.53 6.15
CA PRO A 248 0.88 -11.13 4.95
C PRO A 248 1.89 -12.23 5.23
N GLU A 249 2.06 -12.62 6.49
CA GLU A 249 3.20 -13.47 6.91
C GLU A 249 3.36 -14.73 6.06
N LEU A 250 2.28 -15.45 5.79
CA LEU A 250 2.46 -16.76 5.17
C LEU A 250 2.91 -16.64 3.72
N TYR A 251 2.50 -15.58 3.02
CA TYR A 251 3.00 -15.37 1.66
C TYR A 251 4.44 -14.91 1.66
N LEU A 252 4.78 -14.00 2.58
CA LEU A 252 6.15 -13.47 2.62
C LEU A 252 7.15 -14.57 2.88
N LYS A 253 6.82 -15.54 3.75
CA LYS A 253 7.78 -16.60 4.01
C LYS A 253 8.00 -17.48 2.77
N GLN A 254 6.98 -17.60 1.91
CA GLN A 254 7.19 -18.35 0.68
C GLN A 254 8.19 -17.65 -0.24
N LEU A 255 8.28 -16.32 -0.15
CA LEU A 255 9.27 -15.61 -0.94
C LEU A 255 10.68 -15.89 -0.46
N ILE A 256 10.85 -16.20 0.82
CA ILE A 256 12.16 -16.57 1.33
C ILE A 256 12.52 -17.99 0.90
N VAL A 257 11.54 -18.91 0.91
CA VAL A 257 11.75 -20.21 0.24
C VAL A 257 12.19 -19.98 -1.19
N GLY A 258 11.60 -18.99 -1.86
CA GLY A 258 11.91 -18.70 -3.24
C GLY A 258 13.26 -18.04 -3.46
N GLY A 259 13.97 -17.67 -2.41
CA GLY A 259 15.33 -17.19 -2.54
C GLY A 259 15.50 -15.69 -2.56
N LEU A 260 14.45 -14.92 -2.30
CA LEU A 260 14.58 -13.47 -2.40
C LEU A 260 15.34 -12.87 -1.22
N ASP A 261 15.59 -13.66 -0.16
CA ASP A 261 16.51 -13.38 0.94
C ASP A 261 16.09 -12.25 1.88
N LYS A 262 15.65 -11.10 1.35
CA LYS A 262 15.28 -9.94 2.17
C LYS A 262 14.09 -9.27 1.51
N VAL A 263 12.90 -9.39 2.10
CA VAL A 263 11.71 -8.78 1.53
C VAL A 263 10.96 -8.01 2.62
N TYR A 264 10.26 -6.96 2.21
CA TYR A 264 9.34 -6.28 3.12
C TYR A 264 8.08 -5.87 2.37
N GLU A 265 7.00 -5.69 3.13
CA GLU A 265 5.72 -5.24 2.60
C GLU A 265 5.13 -4.24 3.58
N ILE A 266 4.62 -3.13 3.06
CA ILE A 266 3.95 -2.12 3.86
C ILE A 266 2.54 -1.96 3.32
N GLY A 267 1.53 -2.26 4.13
CA GLY A 267 0.17 -2.13 3.62
C GLY A 267 -0.85 -2.47 4.67
N LYS A 268 -2.11 -2.53 4.22
CA LYS A 268 -3.23 -2.70 5.12
C LYS A 268 -3.35 -4.16 5.56
N ASN A 269 -3.66 -4.34 6.84
CA ASN A 269 -4.25 -5.56 7.38
C ASN A 269 -5.70 -5.26 7.75
N PHE A 270 -6.52 -6.30 7.75
CA PHE A 270 -7.95 -6.15 8.01
C PHE A 270 -8.32 -7.11 9.13
N ARG A 271 -8.82 -6.58 10.24
CA ARG A 271 -9.13 -7.43 11.38
C ARG A 271 -10.52 -7.08 11.89
N ASN A 272 -11.39 -8.08 11.85
CA ASN A 272 -12.82 -7.95 12.12
C ASN A 272 -12.99 -8.00 13.64
N GLU A 273 -12.76 -6.86 14.27
CA GLU A 273 -12.69 -6.79 15.72
C GLU A 273 -13.14 -5.41 16.17
N GLY A 274 -13.21 -5.23 17.49
CA GLY A 274 -13.72 -3.98 18.03
C GLY A 274 -12.81 -2.80 17.75
N ILE A 275 -13.42 -1.62 17.81
CA ILE A 275 -12.76 -0.34 17.56
C ILE A 275 -12.50 0.32 18.91
N ASP A 276 -11.29 0.84 19.12
CA ASP A 276 -10.98 1.61 20.32
C ASP A 276 -9.79 2.53 20.02
N LEU A 277 -9.21 3.11 21.07
CA LEU A 277 -8.17 4.12 20.90
C LEU A 277 -6.96 3.63 20.12
N THR A 278 -6.70 2.32 20.09
CA THR A 278 -5.53 1.79 19.39
C THR A 278 -5.88 0.73 18.35
N HIS A 279 -7.16 0.56 18.01
CA HIS A 279 -7.58 -0.43 17.03
C HIS A 279 -8.55 0.20 16.03
N ASN A 280 -8.22 0.11 14.75
CA ASN A 280 -9.14 0.38 13.64
C ASN A 280 -9.25 -0.90 12.82
N PRO A 281 -10.41 -1.18 12.21
CA PRO A 281 -10.56 -2.49 11.53
C PRO A 281 -9.64 -2.65 10.34
N GLU A 282 -9.25 -1.57 9.69
CA GLU A 282 -8.17 -1.64 8.72
C GLU A 282 -7.08 -0.69 9.18
N PHE A 283 -5.84 -1.13 9.06
CA PHE A 283 -4.74 -0.37 9.61
C PHE A 283 -3.50 -0.71 8.81
N THR A 284 -2.53 0.19 8.87
CA THR A 284 -1.31 0.03 8.10
C THR A 284 -0.25 -0.65 8.95
N ALA A 285 0.35 -1.70 8.40
CA ALA A 285 1.36 -2.45 9.10
C ALA A 285 2.49 -2.72 8.12
N MET A 286 3.61 -3.12 8.67
CA MET A 286 4.73 -3.55 7.84
C MET A 286 5.19 -4.90 8.36
N GLU A 287 5.63 -5.77 7.44
CA GLU A 287 6.39 -6.96 7.82
C GLU A 287 7.65 -7.02 6.97
N PHE A 288 8.72 -7.57 7.56
CA PHE A 288 9.88 -7.95 6.76
C PHE A 288 10.36 -9.32 7.20
N TYR A 289 11.04 -10.00 6.27
CA TYR A 289 11.62 -11.32 6.48
C TYR A 289 13.05 -11.26 5.99
N MET A 290 13.97 -11.77 6.81
CA MET A 290 15.41 -11.68 6.54
C MET A 290 16.00 -13.07 6.74
N ALA A 291 16.38 -13.72 5.64
CA ALA A 291 17.07 -15.00 5.75
C ALA A 291 18.31 -14.86 6.63
N TYR A 292 18.54 -15.89 7.45
CA TYR A 292 19.69 -16.10 8.31
C TYR A 292 19.70 -15.23 9.55
N ALA A 293 18.65 -14.45 9.81
CA ALA A 293 18.52 -13.72 11.06
C ALA A 293 17.79 -14.58 12.07
N ASP A 294 18.05 -14.35 13.37
CA ASP A 294 17.22 -14.92 14.42
C ASP A 294 16.64 -13.77 15.25
N TYR A 295 15.84 -14.10 16.27
CA TYR A 295 15.12 -13.02 16.92
C TYR A 295 16.05 -12.12 17.73
N TYR A 296 17.25 -12.58 18.10
CA TYR A 296 18.23 -11.69 18.71
C TYR A 296 18.67 -10.61 17.72
N ASP A 297 18.96 -11.01 16.48
CA ASP A 297 19.24 -10.03 15.43
C ASP A 297 18.08 -9.04 15.27
N LEU A 298 16.85 -9.54 15.34
CA LEU A 298 15.69 -8.69 15.10
C LEU A 298 15.48 -7.68 16.23
N MET A 299 15.80 -8.07 17.46
CA MET A 299 15.74 -7.12 18.57
C MET A 299 16.68 -5.96 18.33
N ASP A 300 17.92 -6.24 17.92
CA ASP A 300 18.89 -5.19 17.63
C ASP A 300 18.41 -4.29 16.49
N LEU A 301 17.88 -4.90 15.42
CA LEU A 301 17.40 -4.10 14.30
C LEU A 301 16.24 -3.21 14.72
N THR A 302 15.31 -3.74 15.50
CA THR A 302 14.19 -2.94 15.99
C THR A 302 14.68 -1.73 16.78
N GLU A 303 15.65 -1.93 17.67
CA GLU A 303 16.20 -0.82 18.43
C GLU A 303 16.84 0.22 17.52
N GLU A 304 17.63 -0.24 16.54
CA GLU A 304 18.33 0.67 15.64
CA GLU A 304 18.33 0.68 15.63
C GLU A 304 17.35 1.44 14.75
N LEU A 305 16.38 0.74 14.18
CA LEU A 305 15.40 1.38 13.30
C LEU A 305 14.56 2.41 14.04
N ILE A 306 13.95 2.01 15.16
CA ILE A 306 13.02 2.88 15.85
CA ILE A 306 13.01 2.89 15.83
C ILE A 306 13.74 4.04 16.52
N SER A 307 14.88 3.77 17.16
CA SER A 307 15.61 4.89 17.77
C SER A 307 16.10 5.85 16.69
N GLY A 308 16.51 5.31 15.54
CA GLY A 308 16.93 6.18 14.45
C GLY A 308 15.82 7.07 13.95
N LEU A 309 14.61 6.52 13.85
CA LEU A 309 13.46 7.30 13.40
C LEU A 309 13.05 8.31 14.46
N VAL A 310 13.01 7.92 15.73
CA VAL A 310 12.70 8.87 16.79
C VAL A 310 13.69 10.03 16.77
N LEU A 311 14.98 9.71 16.61
CA LEU A 311 16.00 10.75 16.55
C LEU A 311 15.76 11.68 15.36
N GLU A 312 15.41 11.10 14.22
CA GLU A 312 15.18 11.88 13.01
C GLU A 312 14.06 12.89 13.21
N ILE A 313 12.95 12.45 13.81
CA ILE A 313 11.79 13.33 14.00
C ILE A 313 12.03 14.31 15.12
N HIS A 314 12.59 13.84 16.25
CA HIS A 314 12.57 14.62 17.48
C HIS A 314 13.90 15.23 17.90
N GLY A 315 15.02 14.79 17.35
CA GLY A 315 16.28 15.34 17.74
C GLY A 315 16.88 14.75 18.99
N SER A 316 16.19 13.82 19.64
CA SER A 316 16.75 13.07 20.77
C SER A 316 15.87 11.85 20.97
N LEU A 317 16.24 11.02 21.95
CA LEU A 317 15.52 9.77 22.17
C LEU A 317 14.51 9.86 23.31
N LYS A 318 14.42 11.00 23.98
CA LYS A 318 13.45 11.20 25.05
C LYS A 318 12.42 12.18 24.51
N ILE A 319 11.18 11.72 24.35
CA ILE A 319 10.18 12.49 23.62
C ILE A 319 8.94 12.65 24.49
N PRO A 320 8.15 13.69 24.22
CA PRO A 320 6.98 13.94 25.07
C PRO A 320 5.79 13.09 24.65
N TYR A 321 4.90 12.87 25.62
CA TYR A 321 3.65 12.20 25.33
C TYR A 321 2.59 12.69 26.31
N HIS A 322 1.40 12.95 25.79
CA HIS A 322 0.26 13.40 26.58
C HIS A 322 -0.76 12.28 26.64
N PRO A 323 -0.68 11.39 27.64
CA PRO A 323 -1.51 10.17 27.61
C PRO A 323 -2.99 10.44 27.80
N ASP A 324 -3.34 11.61 28.33
CA ASP A 324 -4.73 12.00 28.54
C ASP A 324 -5.03 13.27 27.77
N GLY A 325 -4.64 13.31 26.50
CA GLY A 325 -4.87 14.47 25.67
C GLY A 325 -4.00 15.66 26.06
N PRO A 326 -3.97 16.69 25.21
CA PRO A 326 -3.06 17.82 25.47
C PRO A 326 -3.55 18.76 26.55
N GLU A 327 -4.76 18.55 27.07
CA GLU A 327 -5.19 19.24 28.29
C GLU A 327 -4.73 18.53 29.55
N GLY A 328 -3.88 17.50 29.42
CA GLY A 328 -3.39 16.76 30.56
C GLY A 328 -1.88 16.86 30.78
N LYS A 329 -1.36 15.93 31.58
CA LYS A 329 0.06 15.93 31.93
C LYS A 329 0.91 15.55 30.73
N CYS A 330 2.19 15.91 30.79
CA CYS A 330 3.16 15.48 29.79
C CYS A 330 4.15 14.54 30.46
N ILE A 331 4.31 13.35 29.89
CA ILE A 331 5.31 12.39 30.37
C ILE A 331 6.41 12.32 29.33
N GLU A 332 7.46 11.59 29.66
CA GLU A 332 8.57 11.40 28.75
C GLU A 332 8.71 9.92 28.45
N ILE A 333 8.78 9.57 27.16
CA ILE A 333 9.10 8.22 26.72
C ILE A 333 10.58 8.19 26.35
N ASP A 334 11.33 7.26 26.94
CA ASP A 334 12.77 7.19 26.76
C ASP A 334 13.10 6.02 25.84
N PHE A 335 13.53 6.34 24.61
CA PHE A 335 13.88 5.32 23.62
C PHE A 335 15.36 4.95 23.63
N THR A 336 16.10 5.40 24.63
CA THR A 336 17.51 5.02 24.72
C THR A 336 17.64 3.49 24.73
N THR A 337 18.56 2.98 23.90
CA THR A 337 18.79 1.55 23.75
C THR A 337 20.03 1.10 24.54
N PRO A 338 20.11 -0.17 24.95
CA PRO A 338 19.15 -1.25 24.70
C PRO A 338 17.91 -1.19 25.60
N TRP A 339 16.81 -1.76 25.15
CA TRP A 339 15.57 -1.68 25.89
C TRP A 339 15.46 -2.85 26.89
N LYS A 340 14.63 -2.63 27.90
CA LYS A 340 14.32 -3.65 28.89
C LYS A 340 13.73 -4.90 28.23
N ARG A 341 14.14 -6.08 28.71
CA ARG A 341 13.50 -7.34 28.34
C ARG A 341 12.71 -7.89 29.52
N PHE A 342 11.49 -8.34 29.26
CA PHE A 342 10.69 -9.08 30.23
C PHE A 342 10.42 -10.47 29.66
N SER A 343 10.77 -11.51 30.40
CA SER A 343 10.46 -12.86 29.94
C SER A 343 9.01 -13.18 30.30
N PHE A 344 8.25 -13.63 29.29
CA PHE A 344 6.79 -13.76 29.36
C PHE A 344 6.34 -14.53 30.59
N VAL A 345 6.75 -15.79 30.72
CA VAL A 345 6.22 -16.64 31.79
C VAL A 345 6.78 -16.21 33.15
N GLU A 346 8.08 -15.89 33.23
CA GLU A 346 8.66 -15.50 34.51
C GLU A 346 7.99 -14.25 35.09
N GLU A 347 7.66 -13.27 34.24
CA GLU A 347 7.04 -12.07 34.76
C GLU A 347 5.60 -12.32 35.19
N ILE A 348 4.87 -13.22 34.52
CA ILE A 348 3.56 -13.62 35.02
C ILE A 348 3.70 -14.27 36.39
N GLU A 349 4.66 -15.19 36.53
CA GLU A 349 4.79 -15.91 37.79
C GLU A 349 5.22 -14.97 38.92
N SER A 350 6.04 -13.97 38.61
CA SER A 350 6.39 -12.96 39.60
CA SER A 350 6.39 -12.96 39.60
C SER A 350 5.15 -12.19 40.05
N GLY A 351 4.26 -11.88 39.11
CA GLY A 351 3.02 -11.21 39.47
C GLY A 351 2.11 -12.09 40.31
N LEU A 352 2.05 -13.38 39.98
CA LEU A 352 1.23 -14.30 40.76
C LEU A 352 1.84 -14.68 42.09
N GLY A 353 3.16 -14.58 42.24
CA GLY A 353 3.79 -15.13 43.41
C GLY A 353 3.85 -16.64 43.43
N GLU A 354 3.49 -17.31 42.35
CA GLU A 354 3.64 -18.76 42.23
C GLU A 354 3.81 -19.12 40.76
N LYS A 355 4.19 -20.37 40.53
CA LYS A 355 4.53 -20.81 39.20
C LYS A 355 3.32 -21.35 38.47
N LEU A 356 3.32 -21.20 37.16
CA LEU A 356 2.33 -21.88 36.34
C LEU A 356 2.60 -23.38 36.36
N LYS A 357 1.54 -24.16 36.12
CA LYS A 357 1.70 -25.60 36.05
C LYS A 357 2.27 -25.98 34.69
N ARG A 358 3.03 -27.08 34.64
CA ARG A 358 3.63 -27.57 33.41
C ARG A 358 3.13 -28.98 33.07
N PRO A 359 2.90 -29.29 31.77
CA PRO A 359 3.02 -28.39 30.61
C PRO A 359 2.03 -27.24 30.65
N LEU A 360 2.39 -26.12 30.01
CA LEU A 360 1.57 -24.92 30.05
C LEU A 360 0.21 -25.13 29.41
N ASP A 361 0.09 -26.06 28.47
CA ASP A 361 -1.18 -26.32 27.82
C ASP A 361 -1.92 -27.52 28.39
N SER A 362 -1.48 -28.01 29.55
CA SER A 362 -2.18 -29.11 30.20
C SER A 362 -3.50 -28.63 30.81
N GLN A 363 -4.41 -29.58 31.04
CA GLN A 363 -5.67 -29.26 31.71
C GLN A 363 -5.40 -28.72 33.11
N GLU A 364 -4.39 -29.25 33.80
CA GLU A 364 -4.05 -28.74 35.12
C GLU A 364 -3.69 -27.26 35.06
N ASN A 365 -2.86 -26.86 34.10
CA ASN A 365 -2.52 -25.44 34.06
C ASN A 365 -3.68 -24.59 33.56
N ILE A 366 -4.53 -25.14 32.69
CA ILE A 366 -5.69 -24.39 32.23
C ILE A 366 -6.62 -24.10 33.40
N ASP A 367 -6.93 -25.13 34.19
CA ASP A 367 -7.75 -24.91 35.38
C ASP A 367 -7.08 -23.93 36.34
N PHE A 368 -5.78 -24.06 36.53
CA PHE A 368 -5.06 -23.14 37.42
C PHE A 368 -5.16 -21.70 36.93
N MET A 369 -4.97 -21.47 35.63
CA MET A 369 -4.98 -20.10 35.11
C MET A 369 -6.37 -19.49 35.20
N VAL A 370 -7.41 -20.30 35.03
CA VAL A 370 -8.77 -19.79 35.24
C VAL A 370 -8.93 -19.30 36.67
N GLU A 371 -8.45 -20.09 37.64
CA GLU A 371 -8.58 -19.69 39.03
C GLU A 371 -7.71 -18.49 39.36
N MET A 372 -6.58 -18.33 38.67
CA MET A 372 -5.76 -17.13 38.88
C MET A 372 -6.44 -15.90 38.28
N CYS A 373 -7.09 -16.05 37.12
CA CYS A 373 -7.82 -14.92 36.57
C CYS A 373 -8.94 -14.49 37.50
N GLU A 374 -9.66 -15.45 38.09
CA GLU A 374 -10.75 -15.10 39.01
C GLU A 374 -10.19 -14.44 40.27
N LYS A 375 -9.09 -14.99 40.80
CA LYS A 375 -8.48 -14.44 42.01
C LYS A 375 -8.07 -12.98 41.81
N HIS A 376 -7.52 -12.67 40.64
CA HIS A 376 -7.00 -11.33 40.35
C HIS A 376 -7.99 -10.48 39.57
N GLU A 377 -9.25 -10.91 39.50
CA GLU A 377 -10.32 -10.17 38.84
C GLU A 377 -9.95 -9.82 37.40
N ILE A 378 -9.38 -10.79 36.69
CA ILE A 378 -9.10 -10.67 35.26
C ILE A 378 -10.23 -11.35 34.49
N GLU A 379 -10.82 -10.63 33.54
CA GLU A 379 -11.93 -11.18 32.78
C GLU A 379 -11.46 -12.37 31.95
N LEU A 380 -12.22 -13.46 32.00
CA LEU A 380 -11.82 -14.68 31.32
C LEU A 380 -12.02 -14.54 29.82
N PRO A 381 -11.15 -15.16 29.02
CA PRO A 381 -11.36 -15.22 27.57
C PRO A 381 -12.38 -16.31 27.26
N HIS A 382 -12.84 -16.31 26.01
CA HIS A 382 -13.63 -17.44 25.56
C HIS A 382 -13.25 -17.80 24.13
N PRO A 383 -12.95 -19.08 23.85
CA PRO A 383 -12.97 -20.16 24.83
C PRO A 383 -11.74 -20.13 25.72
N ARG A 384 -11.75 -20.98 26.75
CA ARG A 384 -10.69 -20.94 27.77
C ARG A 384 -9.51 -21.81 27.35
N THR A 385 -8.88 -21.43 26.25
CA THR A 385 -7.69 -22.13 25.81
C THR A 385 -6.49 -21.66 26.62
N ALA A 386 -5.44 -22.49 26.65
CA ALA A 386 -4.22 -22.11 27.35
C ALA A 386 -3.64 -20.82 26.78
N ALA A 387 -3.62 -20.71 25.45
CA ALA A 387 -3.06 -19.53 24.80
C ALA A 387 -3.81 -18.26 25.20
N LYS A 388 -5.14 -18.31 25.18
CA LYS A 388 -5.91 -17.10 25.49
C LYS A 388 -5.82 -16.75 26.98
N LEU A 389 -5.71 -17.77 27.85
CA LEU A 389 -5.51 -17.50 29.27
C LEU A 389 -4.14 -16.88 29.55
N LEU A 390 -3.09 -17.43 28.92
CA LEU A 390 -1.76 -16.83 29.04
C LEU A 390 -1.77 -15.39 28.57
N ASP A 391 -2.49 -15.12 27.49
CA ASP A 391 -2.55 -13.76 26.97
C ASP A 391 -3.21 -12.81 27.97
N LYS A 392 -4.30 -13.24 28.62
CA LYS A 392 -4.96 -12.38 29.62
C LYS A 392 -4.03 -12.10 30.79
N LEU A 393 -3.30 -13.12 31.25
CA LEU A 393 -2.37 -12.94 32.36
C LEU A 393 -1.22 -12.01 31.98
N ALA A 394 -0.69 -12.17 30.77
CA ALA A 394 0.36 -11.26 30.30
C ALA A 394 -0.15 -9.83 30.21
N GLY A 395 -1.38 -9.66 29.71
CA GLY A 395 -1.93 -8.32 29.61
C GLY A 395 -2.06 -7.65 30.96
N HIS A 396 -2.40 -8.43 31.98
CA HIS A 396 -2.58 -7.92 33.33
C HIS A 396 -1.24 -7.65 34.03
N PHE A 397 -0.31 -8.61 33.95
CA PHE A 397 0.88 -8.61 34.80
C PHE A 397 2.13 -8.09 34.11
N VAL A 398 2.23 -8.12 32.79
CA VAL A 398 3.48 -7.86 32.09
C VAL A 398 3.38 -6.65 31.17
N GLU A 399 2.35 -6.59 30.33
CA GLU A 399 2.18 -5.45 29.43
C GLU A 399 2.08 -4.14 30.20
N THR A 400 1.51 -4.18 31.40
CA THR A 400 1.35 -2.98 32.21
C THR A 400 2.69 -2.46 32.74
N LYS A 401 3.74 -3.27 32.71
CA LYS A 401 5.07 -2.84 33.13
C LYS A 401 5.83 -2.14 32.02
N CYS A 402 5.27 -2.03 30.82
CA CYS A 402 6.01 -1.60 29.64
C CYS A 402 5.69 -0.14 29.31
N THR A 403 6.25 0.76 30.13
CA THR A 403 6.09 2.19 29.88
C THR A 403 7.04 2.69 28.78
N ASN A 404 8.35 2.68 29.06
CA ASN A 404 9.33 2.85 28.01
C ASN A 404 9.28 1.64 27.08
N PRO A 405 9.76 1.77 25.84
CA PRO A 405 9.80 0.60 24.95
C PRO A 405 10.47 -0.56 25.65
N SER A 406 9.78 -1.70 25.65
CA SER A 406 10.20 -2.89 26.38
C SER A 406 9.85 -4.08 25.52
N PHE A 407 10.75 -5.06 25.48
CA PHE A 407 10.46 -6.32 24.79
C PHE A 407 9.87 -7.30 25.79
N ILE A 408 8.73 -7.89 25.44
CA ILE A 408 8.26 -9.10 26.10
C ILE A 408 8.72 -10.28 25.25
N ILE A 409 9.42 -11.24 25.85
CA ILE A 409 10.13 -12.23 25.06
C ILE A 409 9.76 -13.65 25.48
N ASP A 410 10.03 -14.59 24.57
CA ASP A 410 10.02 -16.03 24.85
C ASP A 410 8.61 -16.55 25.16
N HIS A 411 7.65 -16.10 24.34
CA HIS A 411 6.26 -16.53 24.47
C HIS A 411 6.12 -18.04 24.36
N PRO A 412 5.21 -18.65 25.14
CA PRO A 412 4.92 -20.09 24.97
C PRO A 412 4.57 -20.47 23.54
N GLN A 413 5.01 -21.67 23.15
CA GLN A 413 4.64 -22.23 21.84
C GLN A 413 3.14 -22.27 21.64
N THR A 414 2.39 -22.56 22.71
CA THR A 414 0.95 -22.78 22.56
C THR A 414 0.23 -21.53 22.07
N MET A 415 0.81 -20.34 22.23
CA MET A 415 0.21 -19.11 21.71
C MET A 415 0.98 -18.56 20.52
N SER A 416 1.95 -19.31 19.99
CA SER A 416 2.85 -18.83 18.94
C SER A 416 3.04 -19.91 17.88
N PRO A 417 1.99 -20.23 17.12
CA PRO A 417 2.04 -21.42 16.24
C PRO A 417 3.01 -21.32 15.08
N LEU A 418 3.52 -20.12 14.75
CA LEU A 418 4.45 -19.98 13.64
C LEU A 418 5.86 -19.61 14.07
N ALA A 419 6.11 -19.56 15.38
CA ALA A 419 7.41 -19.18 15.93
C ALA A 419 8.22 -20.42 16.26
N LYS A 420 9.53 -20.36 16.02
CA LYS A 420 10.39 -21.53 16.20
C LYS A 420 10.62 -21.79 17.68
N TRP A 421 10.63 -23.09 18.04
CA TRP A 421 10.87 -23.48 19.42
C TRP A 421 12.15 -22.84 19.97
N HIS A 422 12.11 -22.49 21.25
CA HIS A 422 13.26 -21.79 21.83
C HIS A 422 14.44 -22.75 21.97
N ARG A 423 15.64 -22.27 21.59
CA ARG A 423 16.78 -23.18 21.60
C ARG A 423 17.24 -23.57 23.00
N GLU A 424 16.77 -22.87 24.03
CA GLU A 424 17.15 -23.18 25.42
C GLU A 424 15.96 -23.49 26.33
N LYS A 425 14.80 -22.84 26.13
CA LYS A 425 13.71 -22.89 27.08
C LYS A 425 12.62 -23.84 26.60
N PRO A 426 12.39 -24.97 27.27
CA PRO A 426 11.28 -25.86 26.88
C PRO A 426 9.95 -25.12 26.90
N GLU A 427 9.10 -25.44 25.93
CA GLU A 427 7.75 -24.95 25.74
C GLU A 427 7.68 -23.51 25.24
N MET A 428 8.79 -22.79 25.15
CA MET A 428 8.77 -21.40 24.72
C MET A 428 9.18 -21.30 23.27
N THR A 429 9.14 -20.09 22.73
CA THR A 429 9.56 -19.83 21.35
C THR A 429 10.52 -18.66 21.35
N GLU A 430 11.20 -18.50 20.21
CA GLU A 430 12.08 -17.36 20.00
C GLU A 430 11.27 -16.19 19.44
N ARG A 431 10.46 -15.60 20.31
CA ARG A 431 9.50 -14.58 19.92
C ARG A 431 9.69 -13.36 20.82
N PHE A 432 9.41 -12.17 20.26
CA PHE A 432 9.24 -11.01 21.10
C PHE A 432 8.11 -10.15 20.59
N GLU A 433 7.55 -9.35 21.50
CA GLU A 433 6.68 -8.25 21.17
C GLU A 433 7.33 -7.00 21.74
N LEU A 434 7.25 -5.89 21.02
CA LEU A 434 7.66 -4.59 21.55
C LEU A 434 6.41 -3.87 22.05
N PHE A 435 6.45 -3.39 23.29
CA PHE A 435 5.39 -2.61 23.89
C PHE A 435 5.91 -1.24 24.25
N VAL A 436 5.10 -0.21 24.00
CA VAL A 436 5.37 1.16 24.41
C VAL A 436 4.11 1.68 25.09
N LEU A 437 4.26 2.17 26.32
CA LEU A 437 3.12 2.69 27.09
C LEU A 437 2.00 1.65 27.19
N GLY A 438 2.40 0.39 27.36
CA GLY A 438 1.44 -0.68 27.52
C GLY A 438 0.76 -1.14 26.25
N LYS A 439 1.16 -0.65 25.07
CA LYS A 439 0.51 -0.98 23.82
C LYS A 439 1.48 -1.70 22.89
N GLU A 440 0.96 -2.69 22.18
CA GLU A 440 1.82 -3.47 21.27
C GLU A 440 2.20 -2.64 20.05
N LEU A 441 3.48 -2.64 19.72
CA LEU A 441 4.01 -2.00 18.51
C LEU A 441 4.56 -2.98 17.50
N CYS A 442 5.28 -4.00 17.96
CA CYS A 442 5.95 -4.97 17.09
C CYS A 442 5.69 -6.38 17.59
N ASN A 443 5.78 -7.32 16.65
CA ASN A 443 5.66 -8.74 16.91
C ASN A 443 6.65 -9.44 15.97
N ALA A 444 7.50 -10.33 16.50
CA ALA A 444 8.58 -10.85 15.68
C ALA A 444 9.07 -12.19 16.22
N TYR A 445 9.70 -12.99 15.34
CA TYR A 445 10.30 -14.22 15.85
C TYR A 445 11.29 -14.85 14.87
N THR A 446 12.15 -15.71 15.42
CA THR A 446 12.80 -16.74 14.61
C THR A 446 11.70 -17.62 14.01
N GLU A 447 11.69 -17.75 12.69
CA GLU A 447 10.55 -18.36 12.01
C GLU A 447 10.59 -19.88 12.13
N LEU A 448 9.46 -20.49 12.49
CA LEU A 448 9.40 -21.94 12.44
C LEU A 448 9.58 -22.43 11.00
N ASN A 449 10.58 -23.28 10.78
CA ASN A 449 10.84 -23.79 9.43
C ASN A 449 10.83 -25.32 9.37
N GLU A 450 10.24 -25.96 10.37
CA GLU A 450 10.21 -27.41 10.44
C GLU A 450 8.78 -27.87 10.18
N PRO A 451 8.51 -28.58 9.07
CA PRO A 451 7.11 -28.73 8.62
C PRO A 451 6.25 -29.65 9.48
N LEU A 452 6.82 -30.67 10.12
CA LEU A 452 6.00 -31.54 10.97
C LEU A 452 5.41 -30.78 12.13
N GLN A 453 6.26 -30.07 12.87
CA GLN A 453 5.77 -29.20 13.94
C GLN A 453 4.80 -28.16 13.42
N GLN A 454 5.11 -27.57 12.26
CA GLN A 454 4.21 -26.54 11.74
C GLN A 454 2.81 -27.10 11.50
N ARG A 455 2.72 -28.29 10.92
CA ARG A 455 1.42 -28.91 10.73
C ARG A 455 0.73 -29.18 12.07
N LYS A 456 1.50 -29.69 13.04
CA LYS A 456 0.92 -29.98 14.35
C LYS A 456 0.32 -28.73 15.00
N PHE A 457 1.06 -27.61 14.96
CA PHE A 457 0.53 -26.39 15.56
C PHE A 457 -0.64 -25.83 14.77
N PHE A 458 -0.66 -26.02 13.44
CA PHE A 458 -1.82 -25.64 12.64
C PHE A 458 -3.05 -26.45 13.03
N GLU A 459 -2.88 -27.76 13.22
CA GLU A 459 -3.97 -28.61 13.69
C GLU A 459 -4.53 -28.13 15.03
N GLN A 460 -3.64 -27.77 15.97
CA GLN A 460 -4.10 -27.26 17.25
C GLN A 460 -4.86 -25.94 17.09
N GLN A 461 -4.38 -25.07 16.20
CA GLN A 461 -5.12 -23.85 15.89
C GLN A 461 -6.51 -24.17 15.32
N ALA A 462 -6.58 -25.09 14.35
CA ALA A 462 -7.86 -25.43 13.76
C ALA A 462 -8.82 -26.01 14.80
N ASP A 463 -8.29 -26.78 15.76
CA ASP A 463 -9.12 -27.26 16.87
C ASP A 463 -9.63 -26.11 17.71
N ALA A 464 -8.78 -25.12 17.98
CA ALA A 464 -9.22 -23.96 18.75
C ALA A 464 -10.31 -23.19 17.99
N LYS A 465 -10.12 -23.00 16.69
CA LYS A 465 -11.14 -22.35 15.88
C LYS A 465 -12.48 -23.11 15.94
N ALA A 466 -12.44 -24.43 15.83
CA ALA A 466 -13.67 -25.22 15.87
C ALA A 466 -14.34 -25.10 17.23
N SER A 467 -13.57 -24.87 18.28
CA SER A 467 -14.08 -24.72 19.63
CA SER A 467 -14.10 -24.73 19.63
C SER A 467 -14.59 -23.31 19.92
N GLY A 468 -14.62 -22.43 18.93
CA GLY A 468 -15.15 -21.10 19.11
C GLY A 468 -14.14 -19.99 19.25
N ASP A 469 -12.85 -20.27 19.08
CA ASP A 469 -11.83 -19.21 19.09
C ASP A 469 -11.84 -18.52 17.73
N VAL A 470 -12.50 -17.35 17.65
CA VAL A 470 -12.59 -16.65 16.38
C VAL A 470 -11.26 -16.05 15.94
N GLU A 471 -10.25 -16.05 16.79
CA GLU A 471 -8.94 -15.53 16.44
C GLU A 471 -7.95 -16.64 16.10
N ALA A 472 -8.38 -17.90 16.09
CA ALA A 472 -7.53 -19.00 15.65
C ALA A 472 -7.73 -19.21 14.16
N CYS A 473 -6.67 -19.74 13.50
CA CYS A 473 -6.61 -19.83 12.05
C CYS A 473 -6.72 -21.28 11.56
N PRO A 474 -7.21 -21.50 10.35
CA PRO A 474 -7.27 -22.87 9.80
C PRO A 474 -5.90 -23.35 9.36
N ILE A 475 -5.81 -24.67 9.14
CA ILE A 475 -4.60 -25.26 8.56
C ILE A 475 -4.41 -24.71 7.15
N ASP A 476 -3.18 -24.31 6.82
CA ASP A 476 -2.87 -23.85 5.47
C ASP A 476 -1.96 -24.87 4.80
N GLU A 477 -2.56 -25.72 3.96
CA GLU A 477 -1.83 -26.79 3.29
C GLU A 477 -0.81 -26.23 2.32
N THR A 478 -1.14 -25.15 1.60
CA THR A 478 -0.17 -24.58 0.68
C THR A 478 1.07 -24.12 1.41
N PHE A 479 0.92 -23.64 2.64
CA PHE A 479 2.07 -23.16 3.39
C PHE A 479 2.93 -24.32 3.90
N CYS A 480 2.30 -25.38 4.40
CA CYS A 480 3.06 -26.56 4.79
C CYS A 480 3.86 -27.12 3.61
N LEU A 481 3.25 -27.15 2.42
CA LEU A 481 3.97 -27.64 1.24
C LEU A 481 5.14 -26.72 0.91
N ALA A 482 4.95 -25.41 1.06
CA ALA A 482 6.07 -24.49 0.87
C ALA A 482 7.22 -24.80 1.83
N LEU A 483 6.91 -25.06 3.11
CA LEU A 483 7.98 -25.40 4.05
C LEU A 483 8.68 -26.70 3.68
N GLU A 484 7.98 -27.64 3.05
CA GLU A 484 8.63 -28.86 2.59
C GLU A 484 9.64 -28.62 1.47
N HIS A 485 9.65 -27.42 0.89
CA HIS A 485 10.69 -27.10 -0.09
C HIS A 485 11.89 -26.40 0.55
N GLY A 486 11.83 -26.13 1.85
CA GLY A 486 13.00 -25.64 2.55
C GLY A 486 13.02 -24.15 2.79
N LEU A 487 12.45 -23.74 3.92
CA LEU A 487 12.60 -22.37 4.39
C LEU A 487 13.94 -22.24 5.12
N PRO A 488 14.87 -21.44 4.64
CA PRO A 488 16.13 -21.22 5.36
C PRO A 488 15.85 -20.73 6.77
N PRO A 489 16.79 -20.91 7.70
CA PRO A 489 16.70 -20.17 8.96
C PRO A 489 16.45 -18.71 8.64
N THR A 490 15.41 -18.14 9.27
CA THR A 490 14.89 -16.83 8.90
C THR A 490 14.34 -16.12 10.14
N GLY A 491 14.43 -14.79 10.12
CA GLY A 491 13.80 -13.98 11.14
C GLY A 491 12.80 -13.04 10.51
N GLY A 492 11.59 -12.96 11.08
CA GLY A 492 10.55 -12.11 10.53
C GLY A 492 9.98 -11.20 11.62
N TRP A 493 9.23 -10.20 11.18
CA TRP A 493 8.99 -9.05 12.06
C TRP A 493 7.84 -8.23 11.51
N GLY A 494 7.04 -7.68 12.42
CA GLY A 494 5.91 -6.87 12.02
C GLY A 494 5.83 -5.63 12.90
N LEU A 495 5.32 -4.56 12.34
CA LEU A 495 5.18 -3.29 13.06
C LEU A 495 3.84 -2.68 12.73
N GLY A 496 3.15 -2.16 13.75
CA GLY A 496 1.94 -1.39 13.52
C GLY A 496 2.30 0.05 13.26
N ILE A 497 2.20 0.45 11.98
CA ILE A 497 2.61 1.81 11.57
CA ILE A 497 2.65 1.80 11.62
C ILE A 497 1.75 2.87 12.23
N ASP A 498 0.42 2.66 12.24
CA ASP A 498 -0.44 3.68 12.84
C ASP A 498 -0.08 3.92 14.30
N ARG A 499 0.20 2.84 15.04
CA ARG A 499 0.54 3.01 16.45
C ARG A 499 1.87 3.73 16.61
N LEU A 500 2.81 3.43 15.72
CA LEU A 500 4.08 4.17 15.70
C LEU A 500 3.84 5.65 15.51
N ILE A 501 2.97 6.03 14.56
CA ILE A 501 2.68 7.44 14.35
C ILE A 501 2.06 8.06 15.60
N MET A 502 1.19 7.31 16.29
CA MET A 502 0.59 7.83 17.51
C MET A 502 1.68 8.30 18.48
N PHE A 503 2.72 7.51 18.67
CA PHE A 503 3.77 7.92 19.59
C PHE A 503 4.60 9.06 19.02
N LEU A 504 4.99 8.96 17.75
CA LEU A 504 5.84 10.00 17.15
C LEU A 504 5.15 11.35 17.11
N ALA A 505 3.85 11.37 16.87
CA ALA A 505 3.09 12.59 16.75
C ALA A 505 2.38 12.99 18.03
N ASP A 506 2.50 12.18 19.09
CA ASP A 506 1.88 12.49 20.39
C ASP A 506 0.36 12.61 20.26
N LYS A 507 -0.25 11.52 19.83
CA LYS A 507 -1.69 11.38 19.76
C LYS A 507 -2.11 10.15 20.55
N ASN A 508 -3.19 10.25 21.33
CA ASN A 508 -3.60 9.10 22.12
C ASN A 508 -4.81 8.40 21.53
N ASN A 509 -5.24 8.80 20.34
CA ASN A 509 -6.41 8.23 19.66
C ASN A 509 -5.99 7.91 18.24
N ILE A 510 -6.10 6.63 17.84
CA ILE A 510 -5.69 6.24 16.50
C ILE A 510 -6.48 7.01 15.43
N LYS A 511 -7.69 7.49 15.76
CA LYS A 511 -8.45 8.28 14.81
CA LYS A 511 -8.45 8.27 14.80
C LYS A 511 -7.72 9.55 14.40
N GLU A 512 -6.77 10.02 15.20
CA GLU A 512 -5.99 11.20 14.85
C GLU A 512 -4.98 10.95 13.73
N VAL A 513 -4.56 9.70 13.50
CA VAL A 513 -3.46 9.42 12.56
C VAL A 513 -3.94 8.69 11.33
N ILE A 514 -5.25 8.50 11.19
CA ILE A 514 -5.87 7.86 10.04
C ILE A 514 -6.83 8.88 9.43
N LEU A 515 -6.73 9.10 8.12
CA LEU A 515 -7.48 10.22 7.52
C LEU A 515 -8.98 10.04 7.68
N PHE A 516 -9.47 8.83 7.40
CA PHE A 516 -10.90 8.55 7.44
C PHE A 516 -11.11 7.30 8.29
N PRO A 517 -11.08 7.43 9.62
CA PRO A 517 -11.18 6.26 10.49
C PRO A 517 -12.61 5.75 10.59
N ALA A 518 -12.73 4.50 11.02
CA ALA A 518 -14.05 3.91 11.23
C ALA A 518 -14.74 4.59 12.41
N MET A 519 -16.03 4.82 12.27
CA MET A 519 -16.83 5.52 13.26
C MET A 519 -18.05 4.67 13.60
N ARG A 520 -18.42 4.66 14.88
CA ARG A 520 -19.62 3.94 15.29
C ARG A 520 -20.87 4.58 14.66
N ASN A 521 -21.97 3.82 14.70
CA ASN A 521 -23.25 4.27 14.16
C ASN A 521 -23.16 4.62 12.68
N GLY B 20 9.06 -39.72 -5.76
CA GLY B 20 8.12 -38.64 -5.57
C GLY B 20 7.46 -38.69 -4.20
N SER B 21 6.42 -39.53 -4.08
CA SER B 21 5.86 -39.80 -2.77
C SER B 21 6.87 -40.51 -1.88
N HIS B 22 7.56 -41.52 -2.43
CA HIS B 22 8.57 -42.24 -1.68
C HIS B 22 9.72 -41.31 -1.25
N TYR B 23 10.11 -40.38 -2.13
CA TYR B 23 11.22 -39.49 -1.81
C TYR B 23 10.89 -38.63 -0.60
N THR B 24 9.68 -38.07 -0.58
CA THR B 24 9.27 -37.21 0.53
C THR B 24 9.24 -37.99 1.84
N ASP B 25 8.60 -39.17 1.83
CA ASP B 25 8.52 -39.97 3.04
C ASP B 25 9.90 -40.41 3.50
N ASN B 26 10.78 -40.79 2.57
CA ASN B 26 12.12 -41.20 2.95
C ASN B 26 12.90 -40.03 3.55
N ARG B 27 12.68 -38.82 3.04
CA ARG B 27 13.39 -37.67 3.60
C ARG B 27 12.91 -37.36 5.01
N TYR B 28 11.61 -37.55 5.27
CA TYR B 28 11.13 -37.41 6.64
C TYR B 28 11.76 -38.44 7.55
N LYS B 29 11.92 -39.68 7.05
CA LYS B 29 12.58 -40.71 7.84
C LYS B 29 14.03 -40.36 8.12
N MET B 30 14.74 -39.82 7.11
CA MET B 30 16.10 -39.38 7.35
C MET B 30 16.17 -38.35 8.46
N MET B 31 15.23 -37.39 8.46
CA MET B 31 15.30 -36.32 9.44
C MET B 31 15.00 -36.82 10.84
N GLU B 32 14.13 -37.83 10.97
CA GLU B 32 13.92 -38.41 12.29
C GLU B 32 15.16 -39.16 12.77
N CYS B 33 15.84 -39.87 11.85
CA CYS B 33 17.09 -40.52 12.20
CA CYS B 33 17.09 -40.52 12.20
C CYS B 33 18.13 -39.50 12.65
N ILE B 34 18.24 -38.37 11.94
CA ILE B 34 19.16 -37.31 12.33
C ILE B 34 18.84 -36.82 13.74
N LYS B 35 17.55 -36.56 13.99
CA LYS B 35 17.13 -36.05 15.29
C LYS B 35 17.44 -37.06 16.41
N ASP B 36 17.16 -38.35 16.16
CA ASP B 36 17.39 -39.37 17.18
C ASP B 36 18.87 -39.63 17.42
N ALA B 37 19.71 -39.44 16.41
CA ALA B 37 21.15 -39.56 16.61
C ALA B 37 21.76 -38.35 17.32
N GLY B 38 20.95 -37.33 17.64
CA GLY B 38 21.47 -36.11 18.20
C GLY B 38 22.33 -35.30 17.24
N ARG B 39 22.14 -35.49 15.95
CA ARG B 39 22.87 -34.74 14.94
C ARG B 39 22.11 -33.46 14.62
N PRO B 40 22.74 -32.49 13.95
CA PRO B 40 22.10 -31.18 13.79
C PRO B 40 20.75 -31.30 13.10
N PHE B 41 19.72 -30.75 13.76
CA PHE B 41 18.33 -30.82 13.32
C PHE B 41 17.79 -29.40 13.30
N TYR B 42 17.70 -28.81 12.10
CA TYR B 42 17.17 -27.46 11.93
C TYR B 42 17.84 -26.46 12.86
N PRO B 43 19.14 -26.19 12.68
CA PRO B 43 19.83 -25.21 13.55
C PRO B 43 19.15 -23.85 13.53
N HIS B 44 19.12 -23.20 14.69
CA HIS B 44 18.40 -21.94 14.81
C HIS B 44 19.11 -20.81 14.09
N LYS B 45 20.44 -20.77 14.15
CA LYS B 45 21.20 -19.63 13.64
C LYS B 45 22.45 -20.16 12.94
N PHE B 46 22.66 -19.74 11.71
CA PHE B 46 23.92 -19.95 11.02
C PHE B 46 24.51 -18.58 10.70
N LYS B 47 25.69 -18.30 11.24
CA LYS B 47 26.31 -16.98 11.09
C LYS B 47 27.23 -17.00 9.87
N ILE B 48 26.81 -16.39 8.76
CA ILE B 48 27.68 -16.38 7.60
C ILE B 48 28.79 -15.35 7.81
N SER B 49 29.95 -15.62 7.20
CA SER B 49 31.05 -14.66 7.25
C SER B 49 30.76 -13.48 6.32
N MET B 50 30.14 -13.74 5.19
CA MET B 50 29.80 -12.71 4.22
C MET B 50 28.81 -13.33 3.25
N SER B 51 28.14 -12.49 2.49
CA SER B 51 27.22 -12.98 1.47
C SER B 51 28.00 -13.64 0.34
N LEU B 52 27.29 -14.43 -0.48
CA LEU B 52 27.94 -15.02 -1.65
C LEU B 52 28.35 -13.94 -2.65
N PRO B 53 27.52 -12.92 -2.93
CA PRO B 53 28.01 -11.81 -3.77
C PRO B 53 29.25 -11.15 -3.22
N ALA B 54 29.31 -10.93 -1.90
CA ALA B 54 30.52 -10.38 -1.31
C ALA B 54 31.70 -11.32 -1.47
N TYR B 55 31.44 -12.62 -1.34
CA TYR B 55 32.50 -13.61 -1.52
C TYR B 55 33.05 -13.57 -2.93
N ALA B 56 32.17 -13.47 -3.93
CA ALA B 56 32.62 -13.39 -5.31
C ALA B 56 33.41 -12.10 -5.56
N LEU B 57 32.99 -10.99 -4.95
CA LEU B 57 33.69 -9.74 -5.15
C LEU B 57 35.10 -9.79 -4.57
N LYS B 58 35.26 -10.47 -3.44
CA LYS B 58 36.55 -10.48 -2.75
C LYS B 58 37.54 -11.45 -3.41
N TYR B 59 37.10 -12.65 -3.76
CA TYR B 59 38.01 -13.69 -4.22
C TYR B 59 37.89 -14.01 -5.69
N GLY B 60 36.96 -13.38 -6.42
CA GLY B 60 36.72 -13.73 -7.80
C GLY B 60 37.90 -13.55 -8.72
N ASN B 61 38.87 -12.70 -8.35
CA ASN B 61 39.98 -12.37 -9.24
C ASN B 61 41.30 -13.01 -8.82
N VAL B 62 41.30 -13.90 -7.81
CA VAL B 62 42.54 -14.53 -7.43
C VAL B 62 43.00 -15.50 -8.52
N GLU B 63 44.28 -15.84 -8.49
CA GLU B 63 44.86 -16.73 -9.47
C GLU B 63 44.28 -18.13 -9.34
N ASN B 64 44.29 -18.86 -10.45
CA ASN B 64 43.84 -20.25 -10.44
C ASN B 64 44.62 -21.07 -9.43
N GLY B 65 43.91 -21.88 -8.66
CA GLY B 65 44.53 -22.72 -7.66
C GLY B 65 44.85 -22.03 -6.35
N TYR B 66 44.54 -20.75 -6.22
CA TYR B 66 44.81 -20.04 -4.97
C TYR B 66 43.99 -20.64 -3.82
N ILE B 67 44.63 -20.78 -2.67
CA ILE B 67 43.91 -21.17 -1.45
C ILE B 67 44.57 -20.48 -0.28
N ASP B 68 43.75 -19.95 0.62
CA ASP B 68 44.24 -19.28 1.83
C ASP B 68 43.81 -20.12 3.02
N LYS B 69 44.69 -21.01 3.46
CA LYS B 69 44.38 -21.86 4.60
C LYS B 69 44.47 -21.12 5.93
N ASP B 70 44.90 -19.86 5.93
CA ASP B 70 44.89 -19.05 7.15
C ASP B 70 43.56 -18.36 7.40
N THR B 71 42.60 -18.49 6.49
CA THR B 71 41.32 -17.83 6.62
C THR B 71 40.23 -18.90 6.56
N THR B 72 39.36 -18.92 7.56
CA THR B 72 38.23 -19.82 7.62
C THR B 72 36.95 -19.01 7.55
N LEU B 73 36.07 -19.37 6.63
CA LEU B 73 34.85 -18.61 6.39
C LEU B 73 33.66 -19.54 6.40
N SER B 74 32.49 -19.00 6.74
CA SER B 74 31.23 -19.72 6.67
C SER B 74 30.36 -19.11 5.59
N LEU B 75 29.82 -19.95 4.72
CA LEU B 75 28.96 -19.52 3.63
C LEU B 75 27.72 -20.39 3.63
N SER B 76 26.64 -19.86 3.06
CA SER B 76 25.40 -20.61 3.03
C SER B 76 24.61 -20.31 1.76
N GLY B 77 23.87 -21.31 1.30
CA GLY B 77 22.99 -21.12 0.16
C GLY B 77 22.15 -22.36 -0.04
N ARG B 78 21.45 -22.41 -1.16
CA ARG B 78 20.71 -23.60 -1.54
C ARG B 78 21.54 -24.43 -2.51
N VAL B 79 21.57 -25.73 -2.29
CA VAL B 79 22.35 -26.63 -3.15
C VAL B 79 21.64 -26.75 -4.49
N THR B 80 22.34 -26.38 -5.57
CA THR B 80 21.83 -26.57 -6.92
C THR B 80 22.50 -27.72 -7.66
N SER B 81 23.60 -28.26 -7.13
CA SER B 81 24.27 -29.37 -7.81
C SER B 81 25.13 -30.12 -6.81
N ILE B 82 25.16 -31.45 -6.96
CA ILE B 82 26.03 -32.32 -6.18
C ILE B 82 26.71 -33.27 -7.16
N ARG B 83 28.03 -33.30 -7.15
CA ARG B 83 28.79 -34.26 -7.93
C ARG B 83 29.73 -34.99 -6.98
N SER B 84 29.40 -36.24 -6.65
CA SER B 84 30.31 -37.10 -5.88
C SER B 84 31.26 -37.75 -6.88
N SER B 85 32.35 -37.04 -7.15
CA SER B 85 33.30 -37.52 -8.16
C SER B 85 34.01 -38.79 -7.70
N SER B 86 34.23 -38.96 -6.41
CA SER B 86 34.90 -40.15 -5.87
C SER B 86 34.46 -40.33 -4.41
N SER B 87 34.91 -41.42 -3.80
CA SER B 87 34.58 -41.62 -2.38
C SER B 87 35.22 -40.58 -1.48
N LYS B 88 36.18 -39.81 -1.98
CA LYS B 88 36.95 -38.88 -1.16
C LYS B 88 36.67 -37.42 -1.47
N LEU B 89 35.88 -37.10 -2.48
CA LEU B 89 35.81 -35.74 -2.99
C LEU B 89 34.42 -35.48 -3.55
N ILE B 90 33.78 -34.42 -3.05
CA ILE B 90 32.43 -34.04 -3.47
C ILE B 90 32.45 -32.58 -3.88
N PHE B 91 31.83 -32.27 -5.01
CA PHE B 91 31.66 -30.92 -5.50
C PHE B 91 30.21 -30.49 -5.35
N TYR B 92 29.99 -29.35 -4.68
CA TYR B 92 28.68 -28.73 -4.59
C TYR B 92 28.67 -27.40 -5.32
N ASP B 93 27.51 -27.04 -5.86
CA ASP B 93 27.18 -25.64 -6.13
C ASP B 93 26.10 -25.21 -5.14
N ILE B 94 26.34 -24.07 -4.48
CA ILE B 94 25.32 -23.41 -3.69
C ILE B 94 24.99 -22.09 -4.36
N PHE B 95 23.76 -21.62 -4.13
CA PHE B 95 23.27 -20.42 -4.79
C PHE B 95 22.56 -19.56 -3.77
N CYS B 96 22.86 -18.26 -3.77
CA CYS B 96 22.23 -17.35 -2.83
C CYS B 96 22.42 -15.93 -3.30
N GLU B 97 21.37 -15.11 -3.19
CA GLU B 97 21.41 -13.69 -3.58
C GLU B 97 22.04 -13.50 -4.96
N GLU B 98 21.62 -14.35 -5.92
CA GLU B 98 22.02 -14.28 -7.32
C GLU B 98 23.47 -14.66 -7.56
N GLN B 99 24.16 -15.31 -6.62
CA GLN B 99 25.55 -15.71 -6.79
C GLN B 99 25.70 -17.20 -6.57
N LYS B 100 26.38 -17.88 -7.49
CA LYS B 100 26.74 -19.27 -7.32
C LYS B 100 28.18 -19.38 -6.84
N VAL B 101 28.42 -20.29 -5.90
CA VAL B 101 29.77 -20.58 -5.42
C VAL B 101 29.96 -22.10 -5.39
N GLN B 102 31.10 -22.57 -5.85
CA GLN B 102 31.43 -23.99 -5.80
C GLN B 102 32.03 -24.34 -4.44
N ILE B 103 31.61 -25.48 -3.90
CA ILE B 103 32.15 -26.01 -2.64
C ILE B 103 32.87 -27.31 -2.96
N ILE B 104 34.14 -27.38 -2.59
CA ILE B 104 34.96 -28.57 -2.80
C ILE B 104 35.19 -29.23 -1.45
N ALA B 105 34.59 -30.41 -1.25
CA ALA B 105 34.67 -31.11 0.04
C ALA B 105 35.57 -32.32 -0.11
N ASN B 106 36.78 -32.21 0.45
CA ASN B 106 37.80 -33.25 0.39
C ASN B 106 37.82 -33.94 1.75
N ILE B 107 37.82 -35.28 1.72
CA ILE B 107 37.81 -36.02 2.99
C ILE B 107 38.99 -35.63 3.86
N MET B 108 40.12 -35.27 3.25
CA MET B 108 41.31 -34.93 4.04
C MET B 108 41.14 -33.63 4.81
N GLU B 109 40.18 -32.78 4.45
CA GLU B 109 39.93 -31.57 5.21
C GLU B 109 38.76 -31.70 6.17
N HIS B 110 38.07 -32.84 6.21
CA HIS B 110 36.82 -32.93 6.94
C HIS B 110 37.06 -32.90 8.45
N ASP B 111 36.32 -32.02 9.14
CA ASP B 111 36.34 -31.92 10.60
C ASP B 111 35.54 -33.10 11.16
N ILE B 112 36.25 -34.11 11.66
CA ILE B 112 35.57 -35.34 12.10
C ILE B 112 34.77 -35.17 13.37
N SER B 113 34.95 -34.06 14.09
CA SER B 113 34.10 -33.78 15.24
C SER B 113 32.64 -33.56 14.84
N THR B 114 32.38 -33.31 13.56
CA THR B 114 31.03 -33.09 13.06
C THR B 114 30.40 -34.36 12.52
N GLY B 115 31.13 -35.48 12.60
CA GLY B 115 30.69 -36.76 12.07
C GLY B 115 31.67 -37.28 11.05
N GLU B 116 31.60 -38.58 10.74
CA GLU B 116 32.43 -39.11 9.67
C GLU B 116 32.04 -38.46 8.35
N PHE B 117 33.03 -38.27 7.49
CA PHE B 117 32.83 -37.62 6.19
C PHE B 117 31.64 -38.18 5.43
N SER B 118 31.56 -39.52 5.31
CA SER B 118 30.47 -40.14 4.56
C SER B 118 29.12 -39.86 5.22
N VAL B 119 29.05 -39.92 6.55
CA VAL B 119 27.81 -39.65 7.25
C VAL B 119 27.36 -38.21 7.01
N SER B 120 28.27 -37.25 7.21
CA SER B 120 27.91 -35.83 7.08
C SER B 120 27.32 -35.53 5.71
N HIS B 121 27.94 -36.05 4.65
CA HIS B 121 27.49 -35.73 3.31
C HIS B 121 26.33 -36.58 2.85
N SER B 122 26.12 -37.76 3.46
CA SER B 122 24.95 -38.57 3.12
C SER B 122 23.64 -37.83 3.43
N GLU B 123 23.68 -36.86 4.34
CA GLU B 123 22.48 -36.15 4.78
C GLU B 123 22.06 -35.03 3.84
N ILE B 124 22.87 -34.71 2.83
CA ILE B 124 22.65 -33.56 1.97
C ILE B 124 22.07 -34.03 0.64
N ARG B 125 21.12 -33.26 0.11
CA ARG B 125 20.49 -33.48 -1.18
C ARG B 125 20.44 -32.17 -1.94
N ARG B 126 20.34 -32.27 -3.26
CA ARG B 126 20.07 -31.11 -4.07
C ARG B 126 18.75 -30.46 -3.63
N GLY B 127 18.76 -29.14 -3.52
CA GLY B 127 17.64 -28.37 -3.02
C GLY B 127 17.72 -28.00 -1.55
N ASP B 128 18.59 -28.66 -0.79
CA ASP B 128 18.71 -28.34 0.63
C ASP B 128 19.34 -26.97 0.81
N VAL B 129 18.91 -26.28 1.86
CA VAL B 129 19.59 -25.09 2.36
C VAL B 129 20.67 -25.57 3.32
N VAL B 130 21.92 -25.19 3.06
CA VAL B 130 23.05 -25.75 3.80
CA VAL B 130 23.07 -25.76 3.73
C VAL B 130 24.04 -24.64 4.12
N GLY B 131 24.83 -24.89 5.16
CA GLY B 131 25.97 -24.05 5.48
C GLY B 131 27.26 -24.84 5.31
N PHE B 132 28.32 -24.15 4.89
CA PHE B 132 29.64 -24.75 4.82
C PHE B 132 30.65 -23.84 5.52
N THR B 133 31.69 -24.44 6.06
CA THR B 133 32.82 -23.70 6.57
CA THR B 133 32.83 -23.70 6.58
C THR B 133 34.08 -24.24 5.91
N GLY B 134 35.00 -23.34 5.53
CA GLY B 134 36.20 -23.80 4.86
C GLY B 134 37.10 -22.65 4.46
N PHE B 135 38.03 -22.95 3.56
CA PHE B 135 39.07 -22.02 3.11
C PHE B 135 38.72 -21.42 1.76
N PRO B 136 38.97 -20.13 1.57
CA PRO B 136 38.63 -19.48 0.30
C PRO B 136 39.70 -19.65 -0.75
N GLY B 137 39.27 -19.57 -2.01
CA GLY B 137 40.21 -19.60 -3.11
C GLY B 137 39.52 -19.95 -4.42
N LYS B 138 40.27 -20.61 -5.29
CA LYS B 138 39.81 -20.90 -6.65
C LYS B 138 40.39 -22.23 -7.05
N SER B 139 39.59 -23.07 -7.71
CA SER B 139 40.09 -24.37 -8.13
C SER B 139 41.18 -24.19 -9.18
N LYS B 140 41.94 -25.27 -9.40
CA LYS B 140 42.96 -25.26 -10.46
C LYS B 140 42.33 -24.98 -11.82
N ARG B 141 41.08 -25.40 -12.03
CA ARG B 141 40.37 -25.12 -13.26
C ARG B 141 39.85 -23.69 -13.35
N GLY B 142 40.00 -22.90 -12.30
CA GLY B 142 39.56 -21.51 -12.31
C GLY B 142 38.19 -21.23 -11.74
N GLU B 143 37.62 -22.14 -10.96
CA GLU B 143 36.29 -21.97 -10.39
C GLU B 143 36.39 -21.35 -9.00
N LEU B 144 35.70 -20.23 -8.80
CA LEU B 144 35.55 -19.67 -7.46
C LEU B 144 34.98 -20.73 -6.53
N SER B 145 35.74 -21.07 -5.49
CA SER B 145 35.39 -22.19 -4.64
C SER B 145 35.60 -21.87 -3.17
N LEU B 146 34.93 -22.64 -2.32
CA LEU B 146 35.25 -22.77 -0.91
C LEU B 146 35.73 -24.20 -0.67
N PHE B 147 36.93 -24.33 -0.08
CA PHE B 147 37.49 -25.66 0.20
C PHE B 147 37.03 -26.04 1.60
N SER B 148 36.00 -26.88 1.70
CA SER B 148 35.24 -26.93 2.94
C SER B 148 35.84 -27.92 3.93
N LYS B 149 35.61 -27.62 5.21
CA LYS B 149 35.95 -28.53 6.30
C LYS B 149 34.74 -29.13 7.00
N SER B 150 33.56 -28.56 6.79
CA SER B 150 32.35 -29.06 7.44
C SER B 150 31.16 -28.66 6.59
N VAL B 151 30.04 -29.32 6.85
CA VAL B 151 28.77 -29.04 6.21
C VAL B 151 27.68 -29.18 7.27
N VAL B 152 26.69 -28.28 7.24
CA VAL B 152 25.56 -28.38 8.15
CA VAL B 152 25.56 -28.35 8.16
C VAL B 152 24.27 -28.26 7.36
N LEU B 153 23.38 -29.23 7.55
CA LEU B 153 22.04 -29.19 6.95
C LEU B 153 21.20 -28.19 7.73
N LEU B 154 20.82 -27.08 7.09
CA LEU B 154 20.02 -26.05 7.73
C LEU B 154 18.53 -26.25 7.51
N SER B 155 18.12 -26.55 6.28
CA SER B 155 16.71 -26.77 5.99
C SER B 155 16.56 -27.67 4.78
N PRO B 156 16.16 -28.93 4.95
CA PRO B 156 16.10 -29.84 3.81
C PRO B 156 14.93 -29.54 2.88
N CYS B 157 15.12 -29.93 1.63
CA CYS B 157 14.04 -29.96 0.65
C CYS B 157 13.53 -31.40 0.58
N TYR B 158 12.22 -31.57 0.79
CA TYR B 158 11.61 -32.90 0.85
C TYR B 158 11.08 -33.36 -0.50
N HIS B 159 11.32 -32.60 -1.57
CA HIS B 159 10.75 -32.90 -2.88
C HIS B 159 11.86 -32.88 -3.92
N MET B 160 11.76 -33.78 -4.90
CA MET B 160 12.70 -33.80 -6.00
C MET B 160 12.45 -32.60 -6.91
N LEU B 161 13.48 -31.79 -7.11
CA LEU B 161 13.21 -30.59 -7.86
C LEU B 161 13.62 -30.75 -9.31
N PRO B 162 12.88 -30.16 -10.24
CA PRO B 162 13.34 -30.08 -11.63
C PRO B 162 14.59 -29.22 -11.71
N THR B 163 15.27 -29.33 -12.84
CA THR B 163 16.42 -28.46 -13.07
C THR B 163 16.02 -27.09 -13.61
N ALA B 164 14.80 -26.95 -14.13
CA ALA B 164 14.34 -25.68 -14.68
C ALA B 164 12.81 -25.69 -14.76
N ILE B 165 12.23 -24.50 -14.85
CA ILE B 165 10.78 -24.31 -14.94
C ILE B 165 10.15 -25.23 -15.99
N ASP B 170 2.90 -28.81 -14.86
CA ASP B 170 2.26 -27.70 -15.55
C ASP B 170 3.05 -26.41 -15.36
N GLN B 171 2.93 -25.47 -16.30
CA GLN B 171 3.44 -24.12 -16.07
C GLN B 171 2.50 -23.27 -15.22
N GLU B 172 1.34 -23.83 -14.87
CA GLU B 172 0.53 -23.28 -13.78
C GLU B 172 1.24 -23.44 -12.44
N VAL B 173 2.14 -24.41 -12.32
CA VAL B 173 2.92 -24.58 -11.10
C VAL B 173 3.66 -23.29 -10.76
N ARG B 174 4.10 -22.53 -11.77
CA ARG B 174 4.82 -21.30 -11.50
C ARG B 174 3.95 -20.30 -10.75
N TYR B 175 2.64 -20.33 -10.97
CA TYR B 175 1.72 -19.39 -10.33
C TYR B 175 1.16 -19.92 -9.00
N ARG B 176 0.89 -21.22 -8.91
CA ARG B 176 0.37 -21.81 -7.69
C ARG B 176 1.45 -22.09 -6.66
N GLN B 177 2.68 -22.32 -7.10
CA GLN B 177 3.83 -22.49 -6.21
C GLN B 177 4.91 -21.51 -6.63
N ARG B 178 4.66 -20.21 -6.37
CA ARG B 178 5.55 -19.18 -6.89
C ARG B 178 6.97 -19.33 -6.37
N TYR B 179 7.14 -19.91 -5.18
CA TYR B 179 8.49 -20.11 -4.66
C TYR B 179 9.33 -20.99 -5.58
N LEU B 180 8.70 -21.94 -6.28
CA LEU B 180 9.44 -22.76 -7.24
C LEU B 180 9.89 -21.94 -8.44
N ASP B 181 9.01 -21.08 -8.95
CA ASP B 181 9.37 -20.17 -10.03
C ASP B 181 10.55 -19.29 -9.64
N LEU B 182 10.47 -18.64 -8.46
CA LEU B 182 11.54 -17.78 -8.00
C LEU B 182 12.82 -18.55 -7.75
N MET B 183 12.71 -19.76 -7.21
CA MET B 183 13.88 -20.55 -6.88
C MET B 183 14.67 -20.95 -8.11
N LEU B 184 13.96 -21.25 -9.21
CA LEU B 184 14.57 -21.89 -10.37
C LEU B 184 14.70 -20.97 -11.58
N ASN B 185 14.02 -19.82 -11.61
CA ASN B 185 13.89 -19.04 -12.84
C ASN B 185 14.30 -17.59 -12.55
N GLU B 186 15.53 -17.24 -12.97
CA GLU B 186 16.03 -15.88 -12.76
C GLU B 186 15.13 -14.84 -13.42
N GLU B 187 14.52 -15.17 -14.56
CA GLU B 187 13.64 -14.22 -15.23
C GLU B 187 12.50 -13.75 -14.33
N SER B 188 11.92 -14.66 -13.54
CA SER B 188 10.83 -14.25 -12.65
C SER B 188 11.33 -13.35 -11.54
N ARG B 189 12.51 -13.63 -10.97
CA ARG B 189 13.06 -12.72 -9.96
C ARG B 189 13.29 -11.34 -10.56
N LYS B 190 13.74 -11.28 -11.82
CA LYS B 190 13.98 -10.01 -12.49
C LYS B 190 12.70 -9.19 -12.65
N VAL B 191 11.58 -9.86 -12.92
CA VAL B 191 10.30 -9.15 -13.08
C VAL B 191 9.94 -8.41 -11.81
N PHE B 192 10.11 -9.05 -10.66
CA PHE B 192 9.64 -8.42 -9.44
C PHE B 192 10.62 -7.39 -8.91
N LYS B 193 11.88 -7.48 -9.30
CA LYS B 193 12.79 -6.35 -9.04
C LYS B 193 12.47 -5.17 -9.94
N LEU B 194 12.11 -5.44 -11.21
CA LEU B 194 11.71 -4.36 -12.10
C LEU B 194 10.45 -3.67 -11.59
N ARG B 195 9.51 -4.46 -11.07
CA ARG B 195 8.27 -3.91 -10.54
C ARG B 195 8.56 -2.93 -9.41
N SER B 196 9.44 -3.30 -8.48
CA SER B 196 9.83 -2.39 -7.41
C SER B 196 10.55 -1.15 -7.95
N ARG B 197 11.45 -1.34 -8.92
CA ARG B 197 12.17 -0.21 -9.51
C ARG B 197 11.20 0.78 -10.14
N ALA B 198 10.19 0.29 -10.87
CA ALA B 198 9.25 1.18 -11.53
C ALA B 198 8.41 1.96 -10.51
N ILE B 199 7.96 1.30 -9.45
CA ILE B 199 7.15 2.00 -8.45
C ILE B 199 7.98 3.04 -7.72
N LYS B 200 9.26 2.73 -7.46
CA LYS B 200 10.17 3.71 -6.85
C LYS B 200 10.30 4.94 -7.73
N TYR B 201 10.47 4.74 -9.04
CA TYR B 201 10.56 5.85 -9.97
C TYR B 201 9.29 6.69 -9.92
N ILE B 202 8.14 6.03 -9.84
CA ILE B 202 6.86 6.75 -9.82
C ILE B 202 6.74 7.59 -8.55
N ARG B 203 6.97 6.97 -7.38
CA ARG B 203 6.95 7.75 -6.14
C ARG B 203 7.88 8.94 -6.22
N ASN B 204 9.10 8.72 -6.71
CA ASN B 204 10.07 9.80 -6.78
C ASN B 204 9.59 10.94 -7.69
N TYR B 205 8.96 10.59 -8.82
CA TYR B 205 8.46 11.62 -9.72
C TYR B 205 7.48 12.56 -8.99
N PHE B 206 6.52 11.98 -8.28
CA PHE B 206 5.52 12.80 -7.61
C PHE B 206 6.04 13.44 -6.34
N ASP B 207 6.93 12.76 -5.61
CA ASP B 207 7.57 13.38 -4.44
C ASP B 207 8.31 14.65 -4.83
N ARG B 208 9.04 14.61 -5.96
CA ARG B 208 9.77 15.80 -6.38
C ARG B 208 8.85 16.93 -6.80
N LEU B 209 7.61 16.62 -7.20
CA LEU B 209 6.63 17.67 -7.48
C LEU B 209 5.94 18.18 -6.24
N GLY B 210 6.30 17.68 -5.05
CA GLY B 210 5.73 18.16 -3.81
C GLY B 210 4.44 17.47 -3.40
N PHE B 211 4.13 16.32 -3.97
CA PHE B 211 2.93 15.58 -3.62
C PHE B 211 3.06 14.95 -2.24
N LEU B 212 1.92 14.72 -1.61
CA LEU B 212 1.85 14.01 -0.34
C LEU B 212 1.20 12.66 -0.61
N GLU B 213 1.89 11.58 -0.22
CA GLU B 213 1.26 10.26 -0.29
C GLU B 213 0.31 10.07 0.89
N VAL B 214 -0.88 9.54 0.61
CA VAL B 214 -1.91 9.35 1.61
C VAL B 214 -2.44 7.91 1.50
N GLU B 215 -3.18 7.49 2.53
CA GLU B 215 -3.92 6.23 2.50
C GLU B 215 -5.37 6.50 2.86
N THR B 216 -6.30 5.95 2.09
CA THR B 216 -7.73 6.11 2.31
C THR B 216 -8.39 4.73 2.42
N PRO B 217 -9.61 4.65 2.97
CA PRO B 217 -10.15 3.35 3.39
C PRO B 217 -10.41 2.40 2.25
N MET B 218 -10.04 1.15 2.46
CA MET B 218 -10.45 0.07 1.57
C MET B 218 -11.77 -0.56 1.99
N LEU B 219 -12.25 -0.29 3.20
CA LEU B 219 -13.53 -0.81 3.69
C LEU B 219 -14.47 0.36 3.96
N ASN B 220 -15.67 0.30 3.41
CA ASN B 220 -16.59 1.43 3.50
C ASN B 220 -18.03 0.94 3.46
N MET B 221 -18.95 1.78 3.95
CA MET B 221 -20.37 1.48 3.92
C MET B 221 -20.95 1.60 2.53
N ILE B 222 -20.19 2.16 1.60
CA ILE B 222 -20.63 2.44 0.25
C ILE B 222 -19.44 2.14 -0.67
N TYR B 223 -19.71 2.07 -1.97
CA TYR B 223 -18.65 1.91 -2.96
C TYR B 223 -18.90 2.91 -4.08
N GLY B 224 -17.82 3.34 -4.74
CA GLY B 224 -17.95 4.32 -5.80
C GLY B 224 -16.61 4.63 -6.44
N GLY B 225 -16.65 5.56 -7.38
CA GLY B 225 -15.43 6.01 -8.04
C GLY B 225 -15.03 5.25 -9.28
N ALA B 226 -15.78 4.23 -9.67
CA ALA B 226 -15.50 3.46 -10.88
C ALA B 226 -16.75 2.67 -11.24
N ALA B 227 -16.70 1.95 -12.34
CA ALA B 227 -17.80 1.12 -12.83
C ALA B 227 -17.41 -0.34 -12.61
N ALA B 228 -17.81 -0.90 -11.48
CA ALA B 228 -17.40 -2.25 -11.13
C ALA B 228 -18.33 -2.83 -10.07
N ARG B 229 -18.53 -4.15 -10.13
CA ARG B 229 -19.20 -4.86 -9.04
C ARG B 229 -18.25 -4.96 -7.86
N PRO B 230 -18.70 -4.64 -6.65
CA PRO B 230 -17.81 -4.69 -5.48
C PRO B 230 -17.84 -6.05 -4.78
N PHE B 231 -16.82 -6.27 -3.96
CA PHE B 231 -16.86 -7.33 -2.97
C PHE B 231 -17.63 -6.85 -1.74
N ILE B 232 -18.39 -7.76 -1.12
CA ILE B 232 -19.22 -7.46 0.04
C ILE B 232 -18.66 -8.18 1.25
N THR B 233 -18.61 -7.49 2.39
CA THR B 233 -18.22 -8.16 3.63
C THR B 233 -19.04 -7.57 4.78
N TYR B 234 -18.64 -7.84 6.00
CA TYR B 234 -19.46 -7.56 7.18
C TYR B 234 -18.56 -7.34 8.38
N HIS B 235 -18.80 -6.25 9.12
CA HIS B 235 -18.13 -6.03 10.40
C HIS B 235 -19.06 -6.47 11.52
N ASN B 236 -18.64 -7.47 12.30
CA ASN B 236 -19.56 -8.11 13.23
C ASN B 236 -19.88 -7.22 14.42
N GLU B 237 -18.86 -6.60 15.01
CA GLU B 237 -19.10 -5.75 16.18
C GLU B 237 -19.98 -4.56 15.83
N LEU B 238 -19.74 -3.93 14.67
CA LEU B 238 -20.58 -2.82 14.27
C LEU B 238 -21.88 -3.26 13.61
N GLU B 239 -22.05 -4.56 13.36
CA GLU B 239 -23.24 -5.10 12.70
C GLU B 239 -23.56 -4.34 11.42
N THR B 240 -22.56 -4.20 10.56
CA THR B 240 -22.62 -3.34 9.40
C THR B 240 -22.12 -4.07 8.17
N GLN B 241 -22.93 -4.12 7.11
CA GLN B 241 -22.40 -4.60 5.83
C GLN B 241 -21.44 -3.57 5.26
N LEU B 242 -20.37 -4.05 4.63
CA LEU B 242 -19.33 -3.20 4.06
C LEU B 242 -19.00 -3.65 2.64
N TYR B 243 -18.39 -2.74 1.88
CA TYR B 243 -17.87 -3.01 0.56
C TYR B 243 -16.38 -2.70 0.52
N MET B 244 -15.62 -3.54 -0.20
CA MET B 244 -14.23 -3.22 -0.53
CA MET B 244 -14.24 -3.17 -0.48
C MET B 244 -14.21 -2.13 -1.59
N ARG B 245 -13.22 -1.24 -1.51
CA ARG B 245 -13.20 -0.15 -2.47
C ARG B 245 -12.94 -0.66 -3.87
N ILE B 246 -13.66 -0.12 -4.83
CA ILE B 246 -13.32 -0.32 -6.24
C ILE B 246 -12.40 0.78 -6.73
N ALA B 247 -12.30 1.90 -5.99
CA ALA B 247 -11.41 3.03 -6.29
C ALA B 247 -11.37 3.99 -5.11
N PRO B 248 -10.23 4.66 -4.86
CA PRO B 248 -10.14 5.64 -3.77
C PRO B 248 -10.62 7.05 -4.13
N GLU B 249 -11.13 7.23 -5.36
CA GLU B 249 -11.35 8.56 -5.93
C GLU B 249 -12.14 9.50 -5.01
N LEU B 250 -13.28 9.05 -4.48
CA LEU B 250 -14.13 10.00 -3.74
C LEU B 250 -13.47 10.46 -2.43
N TYR B 251 -12.71 9.61 -1.76
CA TYR B 251 -11.96 10.07 -0.58
C TYR B 251 -10.87 11.06 -0.96
N LEU B 252 -10.14 10.78 -2.03
CA LEU B 252 -9.01 11.63 -2.40
C LEU B 252 -9.47 13.03 -2.78
N LYS B 253 -10.65 13.14 -3.42
CA LYS B 253 -11.14 14.48 -3.71
C LYS B 253 -11.49 15.24 -2.45
N GLN B 254 -11.96 14.54 -1.40
CA GLN B 254 -12.20 15.23 -0.13
C GLN B 254 -10.92 15.83 0.44
N LEU B 255 -9.77 15.22 0.16
CA LEU B 255 -8.52 15.78 0.67
C LEU B 255 -8.15 17.06 -0.05
N ILE B 256 -8.58 17.21 -1.31
CA ILE B 256 -8.37 18.45 -2.04
C ILE B 256 -9.32 19.55 -1.53
N VAL B 257 -10.58 19.20 -1.23
CA VAL B 257 -11.43 20.13 -0.49
C VAL B 257 -10.73 20.57 0.79
N GLY B 258 -10.09 19.63 1.49
CA GLY B 258 -9.36 19.89 2.72
C GLY B 258 -8.12 20.75 2.57
N GLY B 259 -7.65 20.99 1.35
CA GLY B 259 -6.51 21.86 1.15
C GLY B 259 -5.15 21.18 0.96
N LEU B 260 -5.10 19.85 0.87
CA LEU B 260 -3.79 19.19 0.72
C LEU B 260 -3.16 19.41 -0.65
N ASP B 261 -3.94 19.84 -1.64
CA ASP B 261 -3.48 20.40 -2.92
C ASP B 261 -2.89 19.39 -3.91
N LYS B 262 -1.99 18.52 -3.46
CA LYS B 262 -1.38 17.51 -4.33
C LYS B 262 -1.25 16.24 -3.51
N VAL B 263 -2.05 15.22 -3.83
CA VAL B 263 -2.04 13.96 -3.11
C VAL B 263 -1.95 12.80 -4.09
N TYR B 264 -1.36 11.70 -3.63
CA TYR B 264 -1.42 10.46 -4.41
C TYR B 264 -1.53 9.29 -3.47
N GLU B 265 -2.08 8.20 -4.00
CA GLU B 265 -2.22 6.94 -3.27
C GLU B 265 -1.86 5.81 -4.22
N ILE B 266 -1.10 4.83 -3.72
CA ILE B 266 -0.73 3.66 -4.50
C ILE B 266 -1.17 2.44 -3.71
N GLY B 267 -2.09 1.66 -4.27
CA GLY B 267 -2.52 0.50 -3.52
C GLY B 267 -3.59 -0.29 -4.25
N LYS B 268 -4.15 -1.25 -3.52
CA LYS B 268 -5.05 -2.22 -4.14
C LYS B 268 -6.44 -1.65 -4.33
N ASN B 269 -7.02 -1.93 -5.48
CA ASN B 269 -8.46 -1.88 -5.72
C ASN B 269 -8.99 -3.30 -5.78
N PHE B 270 -10.28 -3.46 -5.50
CA PHE B 270 -10.93 -4.77 -5.46
C PHE B 270 -12.18 -4.73 -6.31
N ARG B 271 -12.22 -5.56 -7.35
CA ARG B 271 -13.36 -5.58 -8.27
C ARG B 271 -13.78 -7.02 -8.48
N ASN B 272 -15.04 -7.31 -8.17
CA ASN B 272 -15.63 -8.64 -8.13
C ASN B 272 -16.11 -8.96 -9.55
N GLU B 273 -15.16 -9.34 -10.39
CA GLU B 273 -15.42 -9.53 -11.81
C GLU B 273 -14.53 -10.68 -12.30
N GLY B 274 -14.68 -11.03 -13.57
CA GLY B 274 -13.93 -12.14 -14.11
C GLY B 274 -12.44 -11.87 -14.19
N ILE B 275 -11.66 -12.95 -14.19
CA ILE B 275 -10.22 -12.87 -14.38
C ILE B 275 -9.89 -13.21 -15.82
N ASP B 276 -8.90 -12.52 -16.38
CA ASP B 276 -8.38 -12.83 -17.71
C ASP B 276 -6.96 -12.28 -17.78
N LEU B 277 -6.42 -12.17 -18.99
CA LEU B 277 -5.01 -11.83 -19.13
C LEU B 277 -4.67 -10.44 -18.60
N THR B 278 -5.65 -9.55 -18.46
CA THR B 278 -5.37 -8.21 -17.95
C THR B 278 -6.19 -7.86 -16.71
N HIS B 279 -6.85 -8.83 -16.08
CA HIS B 279 -7.69 -8.57 -14.92
C HIS B 279 -7.39 -9.59 -13.81
N ASN B 280 -7.09 -9.08 -12.62
CA ASN B 280 -7.02 -9.82 -11.37
C ASN B 280 -8.02 -9.18 -10.41
N PRO B 281 -8.68 -9.96 -9.54
CA PRO B 281 -9.73 -9.37 -8.69
C PRO B 281 -9.23 -8.31 -7.75
N GLU B 282 -7.98 -8.40 -7.32
CA GLU B 282 -7.31 -7.30 -6.66
C GLU B 282 -6.12 -6.90 -7.52
N PHE B 283 -5.90 -5.59 -7.63
CA PHE B 283 -4.83 -5.12 -8.50
C PHE B 283 -4.32 -3.81 -7.94
N THR B 284 -3.09 -3.47 -8.30
CA THR B 284 -2.42 -2.30 -7.75
C THR B 284 -2.65 -1.11 -8.67
N ALA B 285 -3.22 -0.06 -8.10
CA ALA B 285 -3.51 1.14 -8.87
C ALA B 285 -2.92 2.34 -8.16
N MET B 286 -2.72 3.39 -8.94
CA MET B 286 -2.32 4.66 -8.40
C MET B 286 -3.34 5.70 -8.83
N GLU B 287 -3.74 6.58 -7.91
CA GLU B 287 -4.47 7.77 -8.28
C GLU B 287 -3.74 8.98 -7.74
N PHE B 288 -3.79 10.09 -8.47
CA PHE B 288 -3.36 11.36 -7.87
C PHE B 288 -4.35 12.44 -8.20
N TYR B 289 -4.38 13.47 -7.36
CA TYR B 289 -5.25 14.63 -7.54
C TYR B 289 -4.40 15.87 -7.39
N MET B 290 -4.51 16.76 -8.38
CA MET B 290 -3.70 17.99 -8.43
C MET B 290 -4.64 19.19 -8.54
N ALA B 291 -4.76 19.96 -7.45
CA ALA B 291 -5.50 21.20 -7.53
C ALA B 291 -4.95 22.07 -8.65
N TYR B 292 -5.85 22.71 -9.38
CA TYR B 292 -5.61 23.73 -10.41
C TYR B 292 -5.09 23.16 -11.72
N ALA B 293 -4.98 21.84 -11.85
CA ALA B 293 -4.72 21.19 -13.14
C ALA B 293 -6.03 20.90 -13.87
N ASP B 294 -5.97 20.86 -15.20
CA ASP B 294 -7.08 20.31 -15.99
C ASP B 294 -6.57 19.10 -16.79
N TYR B 295 -7.46 18.45 -17.56
CA TYR B 295 -7.04 17.21 -18.20
C TYR B 295 -5.98 17.44 -19.28
N TYR B 296 -5.87 18.64 -19.84
CA TYR B 296 -4.75 18.92 -20.74
C TYR B 296 -3.43 18.84 -19.98
N ASP B 297 -3.38 19.41 -18.76
CA ASP B 297 -2.18 19.27 -17.92
C ASP B 297 -1.90 17.81 -17.62
N LEU B 298 -2.95 17.02 -17.37
CA LEU B 298 -2.74 15.63 -17.01
C LEU B 298 -2.20 14.83 -18.20
N MET B 299 -2.61 15.17 -19.43
CA MET B 299 -2.04 14.49 -20.58
C MET B 299 -0.55 14.75 -20.69
N ASP B 300 -0.13 16.00 -20.49
CA ASP B 300 1.30 16.32 -20.58
C ASP B 300 2.07 15.59 -19.50
N LEU B 301 1.51 15.53 -18.29
CA LEU B 301 2.20 14.84 -17.20
C LEU B 301 2.30 13.34 -17.49
N THR B 302 1.22 12.75 -18.00
CA THR B 302 1.24 11.33 -18.33
C THR B 302 2.34 11.03 -19.33
N GLU B 303 2.43 11.82 -20.41
CA GLU B 303 3.49 11.62 -21.38
C GLU B 303 4.86 11.72 -20.72
N GLU B 304 5.06 12.74 -19.88
CA GLU B 304 6.38 12.94 -19.29
C GLU B 304 6.74 11.82 -18.34
N LEU B 305 5.80 11.45 -17.46
CA LEU B 305 6.04 10.38 -16.49
C LEU B 305 6.34 9.06 -17.19
N ILE B 306 5.46 8.65 -18.09
CA ILE B 306 5.56 7.31 -18.67
CA ILE B 306 5.59 7.30 -18.64
C ILE B 306 6.75 7.22 -19.62
N SER B 307 6.91 8.22 -20.49
CA SER B 307 8.03 8.13 -21.41
C SER B 307 9.36 8.17 -20.65
N GLY B 308 9.43 8.96 -19.58
CA GLY B 308 10.65 8.97 -18.77
C GLY B 308 10.94 7.61 -18.16
N LEU B 309 9.90 6.96 -17.63
CA LEU B 309 10.09 5.64 -17.04
C LEU B 309 10.52 4.62 -18.08
N VAL B 310 9.87 4.62 -19.25
CA VAL B 310 10.26 3.72 -20.34
C VAL B 310 11.71 3.95 -20.73
N LEU B 311 12.10 5.22 -20.89
CA LEU B 311 13.48 5.54 -21.22
C LEU B 311 14.44 5.06 -20.14
N GLU B 312 14.06 5.24 -18.87
CA GLU B 312 14.94 4.83 -17.77
C GLU B 312 15.17 3.32 -17.77
N ILE B 313 14.14 2.53 -18.07
CA ILE B 313 14.27 1.08 -18.02
C ILE B 313 14.91 0.55 -19.30
N HIS B 314 14.52 1.09 -20.45
CA HIS B 314 14.89 0.50 -21.72
C HIS B 314 15.98 1.24 -22.49
N GLY B 315 16.28 2.49 -22.15
CA GLY B 315 17.24 3.25 -22.91
C GLY B 315 16.72 3.76 -24.25
N SER B 316 15.44 3.56 -24.53
CA SER B 316 14.83 3.94 -25.79
C SER B 316 13.35 4.14 -25.53
N LEU B 317 12.70 4.92 -26.39
CA LEU B 317 11.24 5.05 -26.34
C LEU B 317 10.53 4.01 -27.19
N LYS B 318 11.27 3.16 -27.90
CA LYS B 318 10.67 2.10 -28.70
C LYS B 318 11.07 0.77 -28.07
N ILE B 319 10.10 0.02 -27.56
CA ILE B 319 10.39 -1.18 -26.79
C ILE B 319 9.67 -2.36 -27.41
N PRO B 320 10.17 -3.57 -27.18
CA PRO B 320 9.56 -4.76 -27.79
C PRO B 320 8.37 -5.27 -27.00
N TYR B 321 7.49 -5.99 -27.70
CA TYR B 321 6.40 -6.68 -27.02
C TYR B 321 6.05 -7.94 -27.79
N HIS B 322 5.85 -9.02 -27.03
CA HIS B 322 5.53 -10.35 -27.56
C HIS B 322 4.10 -10.70 -27.19
N PRO B 323 3.10 -10.34 -27.99
CA PRO B 323 1.71 -10.63 -27.60
C PRO B 323 1.39 -12.11 -27.49
N ASP B 324 2.22 -13.00 -28.06
CA ASP B 324 1.98 -14.44 -28.01
C ASP B 324 3.14 -15.20 -27.37
N GLY B 325 3.96 -14.54 -26.56
CA GLY B 325 5.03 -15.22 -25.87
C GLY B 325 6.38 -15.00 -26.51
N PRO B 326 7.45 -15.34 -25.77
CA PRO B 326 8.81 -14.91 -26.17
C PRO B 326 9.35 -15.61 -27.42
N GLU B 327 8.79 -16.75 -27.81
CA GLU B 327 9.22 -17.39 -29.04
C GLU B 327 8.37 -16.97 -30.23
N GLY B 328 7.27 -16.26 -29.98
CA GLY B 328 6.37 -15.81 -31.02
C GLY B 328 6.77 -14.46 -31.58
N LYS B 329 5.82 -13.84 -32.28
CA LYS B 329 6.15 -12.62 -32.99
C LYS B 329 6.42 -11.48 -32.00
N CYS B 330 7.24 -10.55 -32.43
CA CYS B 330 7.61 -9.40 -31.63
C CYS B 330 7.18 -8.13 -32.35
N ILE B 331 6.49 -7.24 -31.64
CA ILE B 331 6.12 -5.96 -32.19
C ILE B 331 6.87 -4.88 -31.43
N GLU B 332 6.73 -3.64 -31.88
CA GLU B 332 7.38 -2.50 -31.26
C GLU B 332 6.33 -1.51 -30.78
N ILE B 333 6.40 -1.13 -29.51
CA ILE B 333 5.58 -0.08 -28.94
C ILE B 333 6.43 1.18 -28.90
N ASP B 334 5.94 2.25 -29.52
CA ASP B 334 6.68 3.52 -29.63
C ASP B 334 6.06 4.54 -28.68
N PHE B 335 6.83 4.95 -27.67
CA PHE B 335 6.36 5.94 -26.70
C PHE B 335 6.76 7.37 -27.03
N THR B 336 7.27 7.62 -28.24
CA THR B 336 7.70 8.96 -28.62
C THR B 336 6.54 9.94 -28.50
N THR B 337 6.84 11.15 -27.95
CA THR B 337 5.82 12.17 -27.73
C THR B 337 5.78 13.16 -28.90
N PRO B 338 4.65 13.86 -29.09
CA PRO B 338 3.37 13.68 -28.38
C PRO B 338 2.61 12.44 -28.87
N TRP B 339 1.80 11.86 -28.00
CA TRP B 339 1.04 10.66 -28.34
C TRP B 339 -0.22 11.02 -29.14
N LYS B 340 -0.74 10.02 -29.82
CA LYS B 340 -1.97 10.18 -30.61
C LYS B 340 -3.16 10.46 -29.69
N ARG B 341 -4.05 11.35 -30.14
CA ARG B 341 -5.35 11.55 -29.51
C ARG B 341 -6.45 11.05 -30.43
N PHE B 342 -7.43 10.34 -29.87
CA PHE B 342 -8.65 9.98 -30.57
C PHE B 342 -9.84 10.58 -29.83
N SER B 343 -10.67 11.34 -30.52
CA SER B 343 -11.90 11.83 -29.92
C SER B 343 -12.93 10.70 -29.87
N PHE B 344 -13.49 10.45 -28.69
CA PHE B 344 -14.34 9.28 -28.45
C PHE B 344 -15.47 9.15 -29.48
N VAL B 345 -16.34 10.15 -29.56
CA VAL B 345 -17.54 10.04 -30.40
C VAL B 345 -17.16 10.14 -31.88
N GLU B 346 -16.31 11.10 -32.24
CA GLU B 346 -15.92 11.25 -33.64
C GLU B 346 -15.34 9.95 -34.20
N GLU B 347 -14.53 9.24 -33.41
CA GLU B 347 -13.90 8.02 -33.92
C GLU B 347 -14.91 6.90 -34.07
N ILE B 348 -15.85 6.78 -33.13
CA ILE B 348 -16.96 5.84 -33.31
C ILE B 348 -17.71 6.14 -34.60
N GLU B 349 -18.00 7.41 -34.84
CA GLU B 349 -18.79 7.76 -36.02
C GLU B 349 -18.00 7.56 -37.31
N SER B 350 -16.69 7.79 -37.28
CA SER B 350 -15.84 7.46 -38.44
CA SER B 350 -15.86 7.47 -38.44
C SER B 350 -15.88 5.97 -38.73
N GLY B 351 -15.90 5.14 -37.69
CA GLY B 351 -15.97 3.71 -37.91
C GLY B 351 -17.34 3.29 -38.43
N LEU B 352 -18.40 3.89 -37.89
CA LEU B 352 -19.75 3.60 -38.37
C LEU B 352 -19.99 4.15 -39.77
N GLY B 353 -19.31 5.23 -40.13
CA GLY B 353 -19.68 5.94 -41.34
C GLY B 353 -21.03 6.62 -41.25
N GLU B 354 -21.48 6.95 -40.04
CA GLU B 354 -22.69 7.74 -39.79
C GLU B 354 -22.62 8.23 -38.34
N LYS B 355 -23.52 9.14 -38.01
CA LYS B 355 -23.45 9.83 -36.71
C LYS B 355 -24.39 9.21 -35.69
N LEU B 356 -23.95 9.19 -34.43
CA LEU B 356 -24.81 8.83 -33.32
C LEU B 356 -25.95 9.84 -33.23
N LYS B 357 -27.05 9.43 -32.58
CA LYS B 357 -28.20 10.32 -32.41
C LYS B 357 -28.06 11.12 -31.12
N ARG B 358 -28.63 12.33 -31.13
CA ARG B 358 -28.49 13.25 -30.01
C ARG B 358 -29.85 13.58 -29.39
N PRO B 359 -29.94 13.69 -28.06
CA PRO B 359 -28.86 13.47 -27.08
C PRO B 359 -28.37 12.03 -27.03
N LEU B 360 -27.10 11.87 -26.67
CA LEU B 360 -26.49 10.54 -26.68
C LEU B 360 -27.18 9.58 -25.74
N ASP B 361 -27.82 10.10 -24.68
CA ASP B 361 -28.50 9.24 -23.72
C ASP B 361 -30.01 9.16 -23.96
N SER B 362 -30.48 9.62 -25.11
CA SER B 362 -31.89 9.48 -25.45
C SER B 362 -32.22 8.03 -25.75
N GLN B 363 -33.51 7.69 -25.59
CA GLN B 363 -33.94 6.35 -25.98
C GLN B 363 -33.69 6.12 -27.46
N GLU B 364 -33.83 7.15 -28.28
CA GLU B 364 -33.55 7.02 -29.71
C GLU B 364 -32.10 6.58 -29.95
N ASN B 365 -31.15 7.20 -29.25
CA ASN B 365 -29.76 6.81 -29.48
C ASN B 365 -29.43 5.46 -28.87
N ILE B 366 -30.04 5.11 -27.74
CA ILE B 366 -29.88 3.77 -27.18
C ILE B 366 -30.32 2.73 -28.21
N ASP B 367 -31.51 2.90 -28.77
CA ASP B 367 -31.99 1.96 -29.78
C ASP B 367 -31.10 1.97 -31.02
N PHE B 368 -30.61 3.15 -31.40
CA PHE B 368 -29.72 3.22 -32.56
C PHE B 368 -28.40 2.51 -32.30
N MET B 369 -27.85 2.66 -31.09
CA MET B 369 -26.59 1.98 -30.79
C MET B 369 -26.79 0.47 -30.69
N VAL B 370 -27.94 0.02 -30.19
CA VAL B 370 -28.26 -1.40 -30.22
C VAL B 370 -28.25 -1.91 -31.67
N GLU B 371 -28.88 -1.15 -32.56
CA GLU B 371 -28.90 -1.49 -33.98
C GLU B 371 -27.49 -1.55 -34.57
N MET B 372 -26.64 -0.62 -34.19
CA MET B 372 -25.27 -0.60 -34.69
C MET B 372 -24.46 -1.79 -34.19
N CYS B 373 -24.65 -2.17 -32.91
CA CYS B 373 -23.94 -3.35 -32.41
C CYS B 373 -24.33 -4.59 -33.18
N GLU B 374 -25.63 -4.77 -33.42
CA GLU B 374 -26.09 -5.92 -34.19
C GLU B 374 -25.55 -5.87 -35.61
N LYS B 375 -25.49 -4.68 -36.21
CA LYS B 375 -24.97 -4.55 -37.57
C LYS B 375 -23.50 -4.96 -37.65
N HIS B 376 -22.69 -4.53 -36.68
CA HIS B 376 -21.25 -4.77 -36.71
C HIS B 376 -20.82 -5.95 -35.84
N GLU B 377 -21.77 -6.77 -35.41
CA GLU B 377 -21.49 -8.00 -34.66
C GLU B 377 -20.75 -7.71 -33.36
N ILE B 378 -21.17 -6.66 -32.66
CA ILE B 378 -20.67 -6.32 -31.34
C ILE B 378 -21.61 -6.92 -30.30
N GLU B 379 -21.05 -7.63 -29.32
CA GLU B 379 -21.87 -8.21 -28.26
C GLU B 379 -22.52 -7.11 -27.42
N LEU B 380 -23.84 -7.25 -27.19
CA LEU B 380 -24.63 -6.24 -26.47
C LEU B 380 -24.33 -6.29 -24.97
N PRO B 381 -24.28 -5.14 -24.30
CA PRO B 381 -24.12 -5.13 -22.85
C PRO B 381 -25.44 -5.38 -22.15
N HIS B 382 -25.36 -5.72 -20.86
CA HIS B 382 -26.55 -5.82 -20.05
C HIS B 382 -26.34 -5.02 -18.76
N PRO B 383 -27.28 -4.12 -18.40
CA PRO B 383 -28.41 -3.74 -19.25
C PRO B 383 -27.97 -2.88 -20.42
N ARG B 384 -28.90 -2.52 -21.30
CA ARG B 384 -28.58 -1.73 -22.48
C ARG B 384 -28.70 -0.24 -22.17
N THR B 385 -27.80 0.23 -21.31
CA THR B 385 -27.74 1.66 -21.02
C THR B 385 -26.93 2.38 -22.09
N ALA B 386 -27.18 3.68 -22.24
CA ALA B 386 -26.39 4.48 -23.18
C ALA B 386 -24.90 4.37 -22.89
N ALA B 387 -24.52 4.44 -21.61
CA ALA B 387 -23.10 4.40 -21.25
C ALA B 387 -22.45 3.07 -21.67
N LYS B 388 -23.14 1.96 -21.42
CA LYS B 388 -22.54 0.66 -21.72
C LYS B 388 -22.52 0.40 -23.22
N LEU B 389 -23.53 0.88 -23.94
CA LEU B 389 -23.51 0.76 -25.40
C LEU B 389 -22.38 1.57 -26.01
N LEU B 390 -22.19 2.80 -25.53
CA LEU B 390 -21.08 3.62 -26.01
C LEU B 390 -19.75 2.95 -25.73
N ASP B 391 -19.61 2.35 -24.56
CA ASP B 391 -18.38 1.65 -24.22
C ASP B 391 -18.12 0.48 -25.18
N LYS B 392 -19.17 -0.30 -25.50
CA LYS B 392 -19.00 -1.40 -26.46
C LYS B 392 -18.58 -0.88 -27.83
N LEU B 393 -19.16 0.25 -28.26
CA LEU B 393 -18.79 0.80 -29.56
C LEU B 393 -17.36 1.32 -29.56
N ALA B 394 -16.95 1.97 -28.46
CA ALA B 394 -15.57 2.46 -28.38
C ALA B 394 -14.59 1.30 -28.38
N GLY B 395 -14.90 0.22 -27.66
CA GLY B 395 -14.01 -0.92 -27.62
C GLY B 395 -13.84 -1.55 -28.99
N HIS B 396 -14.87 -1.50 -29.83
CA HIS B 396 -14.79 -2.10 -31.15
C HIS B 396 -14.03 -1.23 -32.14
N PHE B 397 -14.34 0.06 -32.16
CA PHE B 397 -13.89 0.97 -33.22
C PHE B 397 -12.69 1.82 -32.86
N VAL B 398 -12.44 2.07 -31.58
CA VAL B 398 -11.43 3.04 -31.16
C VAL B 398 -10.30 2.37 -30.39
N GLU B 399 -10.63 1.60 -29.35
CA GLU B 399 -9.58 0.98 -28.54
C GLU B 399 -8.69 0.08 -29.40
N THR B 400 -9.26 -0.50 -30.46
CA THR B 400 -8.51 -1.38 -31.35
C THR B 400 -7.48 -0.63 -32.18
N LYS B 401 -7.56 0.69 -32.27
CA LYS B 401 -6.58 1.46 -33.01
C LYS B 401 -5.40 1.92 -32.15
N CYS B 402 -5.41 1.61 -30.86
CA CYS B 402 -4.41 2.15 -29.93
C CYS B 402 -3.31 1.13 -29.67
N THR B 403 -2.42 0.98 -30.65
CA THR B 403 -1.26 0.11 -30.44
C THR B 403 -0.18 0.84 -29.64
N ASN B 404 0.40 1.90 -30.22
CA ASN B 404 1.20 2.82 -29.43
C ASN B 404 0.32 3.47 -28.36
N PRO B 405 0.92 4.00 -27.30
CA PRO B 405 0.14 4.77 -26.32
C PRO B 405 -0.66 5.85 -27.02
N SER B 406 -1.96 5.84 -26.78
CA SER B 406 -2.87 6.78 -27.42
C SER B 406 -3.93 7.22 -26.42
N PHE B 407 -4.25 8.51 -26.45
CA PHE B 407 -5.32 9.06 -25.61
C PHE B 407 -6.65 8.98 -26.34
N ILE B 408 -7.64 8.35 -25.73
CA ILE B 408 -9.03 8.51 -26.14
C ILE B 408 -9.64 9.59 -25.26
N ILE B 409 -10.17 10.66 -25.87
CA ILE B 409 -10.52 11.85 -25.12
C ILE B 409 -11.99 12.23 -25.32
N ASP B 410 -12.50 13.01 -24.36
CA ASP B 410 -13.78 13.71 -24.47
C ASP B 410 -14.97 12.76 -24.41
N HIS B 411 -14.93 11.82 -23.47
CA HIS B 411 -15.98 10.86 -23.27
C HIS B 411 -17.32 11.55 -23.00
N PRO B 412 -18.43 10.96 -23.45
CA PRO B 412 -19.75 11.50 -23.10
C PRO B 412 -19.99 11.54 -21.60
N GLN B 413 -20.74 12.55 -21.16
CA GLN B 413 -21.08 12.69 -19.75
C GLN B 413 -21.83 11.48 -19.22
N THR B 414 -22.68 10.89 -20.07
CA THR B 414 -23.55 9.80 -19.60
C THR B 414 -22.75 8.60 -19.10
N MET B 415 -21.50 8.45 -19.52
CA MET B 415 -20.64 7.38 -19.04
C MET B 415 -19.54 7.88 -18.11
N SER B 416 -19.57 9.16 -17.71
CA SER B 416 -18.49 9.77 -16.93
C SER B 416 -19.09 10.61 -15.82
N PRO B 417 -19.74 9.98 -14.84
CA PRO B 417 -20.54 10.75 -13.87
C PRO B 417 -19.71 11.64 -12.95
N LEU B 418 -18.39 11.49 -12.91
CA LEU B 418 -17.56 12.30 -12.02
C LEU B 418 -16.67 13.27 -12.79
N ALA B 419 -16.74 13.29 -14.11
CA ALA B 419 -15.91 14.16 -14.93
C ALA B 419 -16.66 15.45 -15.25
N LYS B 420 -15.92 16.55 -15.28
CA LYS B 420 -16.53 17.85 -15.52
C LYS B 420 -16.93 17.99 -16.98
N TRP B 421 -18.06 18.66 -17.21
CA TRP B 421 -18.55 18.92 -18.56
C TRP B 421 -17.48 19.58 -19.41
N HIS B 422 -17.42 19.21 -20.68
CA HIS B 422 -16.43 19.78 -21.58
C HIS B 422 -16.70 21.27 -21.78
N ARG B 423 -15.65 22.07 -21.73
CA ARG B 423 -15.82 23.52 -21.82
C ARG B 423 -16.28 23.97 -23.21
N GLU B 424 -16.17 23.12 -24.23
CA GLU B 424 -16.60 23.48 -25.57
C GLU B 424 -17.64 22.53 -26.17
N LYS B 425 -17.48 21.22 -25.97
CA LYS B 425 -18.27 20.22 -26.71
C LYS B 425 -19.50 19.82 -25.92
N PRO B 426 -20.71 20.12 -26.39
CA PRO B 426 -21.90 19.71 -25.64
C PRO B 426 -21.97 18.19 -25.47
N GLU B 427 -22.44 17.77 -24.31
CA GLU B 427 -22.65 16.38 -23.90
C GLU B 427 -21.35 15.65 -23.55
N MET B 428 -20.19 16.23 -23.78
CA MET B 428 -18.93 15.55 -23.51
C MET B 428 -18.36 16.01 -22.17
N THR B 429 -17.27 15.36 -21.75
CA THR B 429 -16.55 15.73 -20.53
C THR B 429 -15.08 15.91 -20.84
N GLU B 430 -14.35 16.51 -19.90
CA GLU B 430 -12.90 16.67 -20.04
C GLU B 430 -12.21 15.43 -19.45
N ARG B 431 -12.31 14.34 -20.20
CA ARG B 431 -11.83 13.04 -19.75
C ARG B 431 -10.87 12.48 -20.79
N PHE B 432 -9.90 11.69 -20.34
CA PHE B 432 -9.16 10.86 -21.27
C PHE B 432 -8.90 9.50 -20.65
N GLU B 433 -8.72 8.52 -21.53
CA GLU B 433 -8.14 7.24 -21.16
C GLU B 433 -6.87 7.04 -21.97
N LEU B 434 -5.88 6.43 -21.37
CA LEU B 434 -4.66 6.04 -22.06
C LEU B 434 -4.76 4.56 -22.39
N PHE B 435 -4.62 4.23 -23.67
CA PHE B 435 -4.58 2.84 -24.11
C PHE B 435 -3.24 2.53 -24.72
N VAL B 436 -2.74 1.34 -24.42
CA VAL B 436 -1.53 0.78 -25.02
C VAL B 436 -1.86 -0.63 -25.45
N LEU B 437 -1.55 -0.95 -26.70
CA LEU B 437 -1.89 -2.24 -27.30
C LEU B 437 -3.34 -2.63 -27.05
N GLY B 438 -4.24 -1.65 -27.20
CA GLY B 438 -5.65 -1.90 -27.04
C GLY B 438 -6.13 -2.12 -25.62
N LYS B 439 -5.29 -1.88 -24.62
CA LYS B 439 -5.62 -2.15 -23.24
C LYS B 439 -5.54 -0.87 -22.42
N GLU B 440 -6.52 -0.68 -21.55
CA GLU B 440 -6.60 0.56 -20.77
C GLU B 440 -5.48 0.60 -19.73
N LEU B 441 -4.77 1.74 -19.68
CA LEU B 441 -3.71 1.98 -18.71
C LEU B 441 -4.02 3.11 -17.74
N CYS B 442 -4.57 4.22 -18.24
CA CYS B 442 -4.90 5.37 -17.42
C CYS B 442 -6.32 5.83 -17.71
N ASN B 443 -6.91 6.48 -16.70
CA ASN B 443 -8.23 7.09 -16.76
C ASN B 443 -8.15 8.36 -15.93
N ALA B 444 -8.57 9.50 -16.49
CA ALA B 444 -8.29 10.78 -15.85
C ALA B 444 -9.27 11.84 -16.37
N TYR B 445 -9.44 12.91 -15.58
CA TYR B 445 -10.30 13.98 -16.07
C TYR B 445 -10.15 15.24 -15.23
N THR B 446 -10.58 16.35 -15.83
CA THR B 446 -10.93 17.53 -15.04
C THR B 446 -12.09 17.15 -14.13
N GLU B 447 -11.92 17.31 -12.82
CA GLU B 447 -12.90 16.79 -11.87
C GLU B 447 -14.17 17.62 -11.84
N LEU B 448 -15.33 16.95 -11.84
CA LEU B 448 -16.58 17.67 -11.61
C LEU B 448 -16.59 18.25 -10.20
N ASN B 449 -16.76 19.57 -10.09
CA ASN B 449 -16.76 20.23 -8.79
C ASN B 449 -18.01 21.07 -8.59
N GLU B 450 -19.05 20.83 -9.40
CA GLU B 450 -20.32 21.53 -9.28
C GLU B 450 -21.33 20.59 -8.63
N PRO B 451 -21.82 20.88 -7.42
CA PRO B 451 -22.56 19.85 -6.67
C PRO B 451 -23.94 19.51 -7.22
N LEU B 452 -24.66 20.45 -7.85
CA LEU B 452 -25.99 20.11 -8.36
C LEU B 452 -25.90 19.07 -9.45
N GLN B 453 -25.02 19.29 -10.44
CA GLN B 453 -24.76 18.29 -11.46
C GLN B 453 -24.28 16.98 -10.87
N GLN B 454 -23.39 17.04 -9.87
CA GLN B 454 -22.88 15.80 -9.31
C GLN B 454 -24.01 14.96 -8.73
N ARG B 455 -24.94 15.58 -8.00
CA ARG B 455 -26.07 14.83 -7.48
C ARG B 455 -26.90 14.23 -8.61
N LYS B 456 -27.14 15.02 -9.66
CA LYS B 456 -27.92 14.53 -10.79
C LYS B 456 -27.31 13.26 -11.38
N PHE B 457 -25.99 13.27 -11.60
CA PHE B 457 -25.36 12.10 -12.20
C PHE B 457 -25.33 10.92 -11.23
N PHE B 458 -25.19 11.19 -9.92
CA PHE B 458 -25.32 10.12 -8.95
C PHE B 458 -26.72 9.51 -8.98
N GLU B 459 -27.75 10.35 -9.11
CA GLU B 459 -29.12 9.85 -9.19
C GLU B 459 -29.31 8.98 -10.42
N GLN B 460 -28.73 9.38 -11.55
CA GLN B 460 -28.83 8.57 -12.76
C GLN B 460 -28.13 7.23 -12.57
N GLN B 461 -27.00 7.23 -11.87
CA GLN B 461 -26.30 5.98 -11.54
C GLN B 461 -27.16 5.09 -10.66
N ALA B 462 -27.75 5.65 -9.60
CA ALA B 462 -28.61 4.88 -8.71
C ALA B 462 -29.79 4.28 -9.48
N ASP B 463 -30.37 5.05 -10.41
CA ASP B 463 -31.43 4.51 -11.25
C ASP B 463 -30.95 3.35 -12.10
N ALA B 464 -29.73 3.46 -12.66
CA ALA B 464 -29.19 2.38 -13.46
C ALA B 464 -28.97 1.12 -12.62
N LYS B 465 -28.46 1.30 -11.39
CA LYS B 465 -28.27 0.17 -10.49
C LYS B 465 -29.61 -0.49 -10.17
N ALA B 466 -30.64 0.32 -9.92
CA ALA B 466 -31.96 -0.23 -9.64
C ALA B 466 -32.53 -0.95 -10.85
N SER B 467 -32.10 -0.57 -12.05
CA SER B 467 -32.55 -1.21 -13.28
CA SER B 467 -32.52 -1.19 -13.30
C SER B 467 -31.76 -2.46 -13.64
N GLY B 468 -30.77 -2.84 -12.83
CA GLY B 468 -30.02 -4.06 -13.07
C GLY B 468 -28.56 -3.87 -13.41
N ASP B 469 -28.02 -2.66 -13.45
CA ASP B 469 -26.60 -2.46 -13.72
C ASP B 469 -25.82 -2.71 -12.43
N VAL B 470 -25.20 -3.88 -12.32
CA VAL B 470 -24.42 -4.21 -11.14
C VAL B 470 -23.11 -3.45 -11.05
N GLU B 471 -22.75 -2.70 -12.08
CA GLU B 471 -21.54 -1.88 -12.04
C GLU B 471 -21.82 -0.41 -11.78
N ALA B 472 -23.09 -0.03 -11.60
CA ALA B 472 -23.45 1.31 -11.20
C ALA B 472 -23.42 1.43 -9.68
N CYS B 473 -23.09 2.64 -9.19
CA CYS B 473 -22.87 2.84 -7.76
C CYS B 473 -23.99 3.65 -7.11
N PRO B 474 -24.23 3.46 -5.82
CA PRO B 474 -25.25 4.27 -5.13
C PRO B 474 -24.80 5.72 -4.92
N ILE B 475 -25.79 6.57 -4.62
CA ILE B 475 -25.51 7.96 -4.31
C ILE B 475 -24.66 8.04 -3.06
N ASP B 476 -23.61 8.85 -3.09
CA ASP B 476 -22.75 9.06 -1.93
C ASP B 476 -23.05 10.45 -1.38
N GLU B 477 -23.88 10.50 -0.34
CA GLU B 477 -24.26 11.78 0.26
C GLU B 477 -23.07 12.46 0.93
N THR B 478 -22.16 11.70 1.53
CA THR B 478 -21.01 12.33 2.15
C THR B 478 -20.15 13.06 1.12
N PHE B 479 -20.07 12.51 -0.10
CA PHE B 479 -19.28 13.18 -1.13
C PHE B 479 -19.99 14.44 -1.65
N CYS B 480 -21.30 14.37 -1.86
CA CYS B 480 -22.04 15.57 -2.24
C CYS B 480 -21.86 16.68 -1.22
N LEU B 481 -21.93 16.35 0.07
CA LEU B 481 -21.74 17.36 1.10
C LEU B 481 -20.32 17.93 1.04
N ALA B 482 -19.35 17.09 0.71
CA ALA B 482 -17.98 17.59 0.59
C ALA B 482 -17.85 18.59 -0.54
N LEU B 483 -18.47 18.30 -1.69
CA LEU B 483 -18.46 19.25 -2.80
C LEU B 483 -19.13 20.58 -2.42
N GLU B 484 -20.15 20.56 -1.57
CA GLU B 484 -20.75 21.82 -1.13
C GLU B 484 -19.79 22.68 -0.31
N HIS B 485 -18.65 22.13 0.12
CA HIS B 485 -17.69 22.95 0.83
C HIS B 485 -16.64 23.53 -0.09
N GLY B 486 -16.67 23.17 -1.37
CA GLY B 486 -15.85 23.82 -2.36
C GLY B 486 -14.63 23.03 -2.74
N LEU B 487 -14.77 22.20 -3.76
CA LEU B 487 -13.61 21.55 -4.37
C LEU B 487 -12.99 22.50 -5.38
N PRO B 488 -11.74 22.93 -5.19
CA PRO B 488 -11.08 23.77 -6.20
C PRO B 488 -11.12 23.08 -7.56
N PRO B 489 -11.02 23.83 -8.66
CA PRO B 489 -10.75 23.18 -9.95
C PRO B 489 -9.56 22.26 -9.78
N THR B 490 -9.71 21.02 -10.23
CA THR B 490 -8.75 19.97 -9.90
C THR B 490 -8.67 19.00 -11.07
N GLY B 491 -7.50 18.39 -11.27
CA GLY B 491 -7.39 17.30 -12.21
C GLY B 491 -7.01 16.03 -11.47
N GLY B 492 -7.64 14.90 -11.80
CA GLY B 492 -7.33 13.65 -11.15
C GLY B 492 -7.08 12.56 -12.18
N TRP B 493 -6.46 11.47 -11.72
CA TRP B 493 -5.82 10.56 -12.66
C TRP B 493 -5.61 9.21 -12.00
N GLY B 494 -5.80 8.14 -12.74
CA GLY B 494 -5.52 6.81 -12.24
C GLY B 494 -4.69 6.03 -13.24
N LEU B 495 -3.92 5.08 -12.71
CA LEU B 495 -3.03 4.24 -13.51
C LEU B 495 -3.07 2.81 -12.98
N GLY B 496 -3.20 1.85 -13.88
CA GLY B 496 -3.07 0.47 -13.48
C GLY B 496 -1.62 0.05 -13.47
N ILE B 497 -1.05 -0.10 -12.27
CA ILE B 497 0.38 -0.41 -12.13
CA ILE B 497 0.38 -0.39 -12.17
C ILE B 497 0.70 -1.78 -12.72
N ASP B 498 -0.14 -2.78 -12.44
CA ASP B 498 0.15 -4.12 -12.97
C ASP B 498 0.23 -4.11 -14.48
N ARG B 499 -0.74 -3.46 -15.13
CA ARG B 499 -0.71 -3.40 -16.59
C ARG B 499 0.51 -2.65 -17.10
N LEU B 500 0.93 -1.61 -16.38
CA LEU B 500 2.16 -0.92 -16.75
C LEU B 500 3.36 -1.86 -16.71
N ILE B 501 3.45 -2.70 -15.67
CA ILE B 501 4.58 -3.63 -15.59
C ILE B 501 4.52 -4.66 -16.72
N MET B 502 3.31 -5.08 -17.11
CA MET B 502 3.19 -5.97 -18.26
C MET B 502 3.91 -5.41 -19.49
N PHE B 503 3.68 -4.14 -19.79
CA PHE B 503 4.36 -3.57 -20.96
C PHE B 503 5.85 -3.34 -20.71
N LEU B 504 6.22 -2.83 -19.53
CA LEU B 504 7.63 -2.57 -19.26
C LEU B 504 8.45 -3.84 -19.28
N ALA B 505 7.87 -4.94 -18.80
CA ALA B 505 8.59 -6.20 -18.66
C ALA B 505 8.36 -7.15 -19.81
N ASP B 506 7.44 -6.81 -20.73
CA ASP B 506 7.09 -7.66 -21.87
C ASP B 506 6.49 -8.98 -21.40
N LYS B 507 5.33 -8.87 -20.76
CA LYS B 507 4.55 -10.04 -20.39
C LYS B 507 3.13 -9.83 -20.93
N ASN B 508 2.53 -10.90 -21.44
CA ASN B 508 1.18 -10.80 -21.99
C ASN B 508 0.11 -11.35 -21.05
N ASN B 509 0.49 -11.73 -19.83
CA ASN B 509 -0.42 -12.29 -18.83
C ASN B 509 -0.15 -11.60 -17.50
N ILE B 510 -1.19 -11.00 -16.91
CA ILE B 510 -1.03 -10.29 -15.65
C ILE B 510 -0.54 -11.21 -14.53
N LYS B 511 -0.76 -12.52 -14.65
CA LYS B 511 -0.24 -13.42 -13.63
C LYS B 511 1.28 -13.41 -13.58
N GLU B 512 1.94 -12.96 -14.65
CA GLU B 512 3.40 -12.90 -14.65
C GLU B 512 3.95 -11.75 -13.81
N VAL B 513 3.13 -10.72 -13.51
CA VAL B 513 3.63 -9.53 -12.80
C VAL B 513 3.06 -9.41 -11.40
N ILE B 514 2.30 -10.40 -10.94
CA ILE B 514 1.73 -10.41 -9.59
C ILE B 514 2.23 -11.67 -8.92
N LEU B 515 2.81 -11.53 -7.72
CA LEU B 515 3.49 -12.66 -7.10
C LEU B 515 2.55 -13.84 -6.89
N PHE B 516 1.36 -13.58 -6.36
CA PHE B 516 0.41 -14.65 -6.02
C PHE B 516 -0.92 -14.36 -6.68
N PRO B 517 -1.04 -14.61 -7.98
CA PRO B 517 -2.26 -14.25 -8.71
C PRO B 517 -3.41 -15.20 -8.40
N ALA B 518 -4.63 -14.68 -8.58
CA ALA B 518 -5.82 -15.54 -8.44
C ALA B 518 -5.81 -16.62 -9.50
N MET B 519 -6.21 -17.84 -9.11
CA MET B 519 -6.24 -18.99 -9.99
C MET B 519 -7.62 -19.63 -9.94
N ARG B 520 -8.05 -20.20 -11.07
CA ARG B 520 -9.29 -20.97 -11.07
C ARG B 520 -9.21 -22.08 -10.02
N ASN B 521 -10.26 -22.20 -9.20
CA ASN B 521 -10.17 -23.00 -7.99
C ASN B 521 -9.91 -24.47 -8.30
N VAL B 522 -10.34 -24.95 -9.47
CA VAL B 522 -10.08 -26.31 -9.87
C VAL B 522 -8.61 -26.47 -10.27
N LYS C . 2.30 -11.63 11.31
CA LYS C . 2.70 -11.00 12.57
C LYS C . 1.56 -10.13 13.13
O LYS C . 0.53 -9.97 12.49
CB LYS C . 3.96 -10.15 12.38
CG LYS C . 5.17 -10.98 11.94
CD LYS C . 5.56 -11.97 13.05
CE LYS C . 6.89 -12.64 12.73
NZ LYS C . 6.77 -13.57 11.54
OXT LYS C . 1.66 -9.56 14.22
O5' ADN D . -0.16 -5.80 12.04
C5' ADN D . 0.13 -6.17 13.39
C4' ADN D . 0.57 -4.98 14.22
O4' ADN D . -0.36 -3.87 14.02
C3' ADN D . 0.60 -5.23 15.73
O3' ADN D . 1.88 -5.68 16.16
C2' ADN D . 0.19 -3.89 16.33
O2' ADN D . 1.32 -3.05 16.44
C1' ADN D . -0.73 -3.30 15.25
N9 ADN D . -2.17 -3.54 15.45
C8 ADN D . -2.81 -4.71 15.74
N7 ADN D . -4.13 -4.65 15.63
C5 ADN D . -4.34 -3.33 15.24
C6 ADN D . -5.52 -2.62 14.89
N6 ADN D . -6.74 -3.19 14.84
N1 ADN D . -5.39 -1.33 14.55
C2 ADN D . -4.18 -0.78 14.53
N3 ADN D . -2.99 -1.35 14.81
C4 ADN D . -3.15 -2.64 15.15
S SO4 E . -20.38 -12.55 16.99
O1 SO4 E . -21.81 -12.80 17.02
O2 SO4 E . -19.72 -13.54 16.16
O3 SO4 E . -20.13 -11.21 16.44
O4 SO4 E . -19.84 -12.61 18.35
S SO4 F . -10.20 -5.03 20.31
O1 SO4 F . -8.79 -5.11 19.95
O2 SO4 F . -10.99 -5.73 19.29
O3 SO4 F . -10.41 -5.65 21.60
O4 SO4 F . -10.62 -3.63 20.37
C1 EDO G . 1.23 50.11 -2.98
O1 EDO G . 1.00 51.25 -3.83
C2 EDO G . 1.13 50.53 -1.52
O2 EDO G . 2.26 51.36 -1.20
C1 EDO H . 1.49 2.27 1.90
O1 EDO H . 2.46 1.40 1.29
C2 EDO H . 2.15 3.49 2.51
O2 EDO H . 3.01 4.13 1.55
C1 EDO I . -1.74 -0.69 -0.58
O1 EDO I . -2.37 -1.81 -1.22
C2 EDO I . -1.18 -1.08 0.78
O2 EDO I . -2.22 -1.08 1.75
C1 EDO J . 0.08 -18.80 2.05
O1 EDO J . 0.26 -19.76 1.00
C2 EDO J . -1.34 -18.29 1.99
O2 EDO J . -2.20 -19.42 1.79
C1 EDO K . 0.02 -15.96 16.61
O1 EDO K . 0.33 -16.40 15.28
C2 EDO K . 1.09 -15.03 17.19
O2 EDO K . 1.20 -13.81 16.43
C1 EDO L . 1.60 2.97 30.83
O1 EDO L . 2.93 3.01 30.35
C2 EDO L . 1.10 1.54 30.68
O2 EDO L . 2.16 0.65 31.06
C1 EDO M . 14.75 -26.65 24.97
O1 EDO M . 13.52 -27.35 24.70
C2 EDO M . 15.79 -27.15 23.99
O2 EDO M . 15.34 -26.89 22.64
NA NA N . 21.95 2.85 22.74
N LYS O . -11.31 6.33 -10.27
CA LYS O . -10.77 6.18 -11.63
C LYS O . -10.75 4.73 -12.06
O LYS O . -10.58 4.43 -13.24
CB LYS O . -9.35 6.77 -11.73
CG LYS O . -9.30 8.29 -11.49
CD LYS O . -10.18 9.04 -12.52
CE LYS O . -10.05 10.56 -12.38
NZ LYS O . -10.70 11.08 -11.13
OXT LYS O . -10.91 3.83 -11.23
O5' ADN P . -7.63 1.28 -11.09
C5' ADN P . -8.07 1.52 -12.42
C4' ADN P . -6.99 1.19 -13.44
O4' ADN P . -6.48 -0.13 -13.15
C3' ADN P . -7.46 1.15 -14.89
O3' ADN P . -7.25 2.40 -15.55
C2' ADN P . -6.67 0.00 -15.52
O2' ADN P . -5.42 0.47 -15.99
C1' ADN P . -6.41 -0.91 -14.32
N9 ADN P . -7.35 -2.03 -14.18
C8 ADN P . -8.72 -1.99 -14.19
N7 ADN P . -9.30 -3.11 -13.82
C5 ADN P . -8.24 -3.96 -13.57
C6 ADN P . -8.17 -5.29 -13.10
N6 ADN P . -9.23 -6.01 -12.75
N1 ADN P . -6.94 -5.84 -12.95
C2 ADN P . -5.86 -5.10 -13.25
N3 ADN P . -5.80 -3.84 -13.68
C4 ADN P . -7.03 -3.32 -13.81
S SO4 Q . -23.47 23.69 -16.89
O1 SO4 Q . -23.54 22.95 -15.64
O2 SO4 Q . -22.70 22.93 -17.88
O3 SO4 Q . -24.81 23.90 -17.40
O4 SO4 Q . -22.82 24.98 -16.67
S SO4 R . -13.82 -8.66 -16.65
O1 SO4 R . -14.96 -9.46 -16.19
O2 SO4 R . -12.92 -9.50 -17.44
O3 SO4 R . -14.30 -7.55 -17.47
O4 SO4 R . -13.10 -8.14 -15.50
S SO4 S . -20.94 23.75 -23.45
O1 SO4 S . -22.01 22.92 -24.00
O2 SO4 S . -19.65 23.15 -23.72
O3 SO4 S . -21.13 23.90 -22.01
O4 SO4 S . -21.00 25.07 -24.09
S SO4 T . 42.25 -11.20 -1.71
O1 SO4 T . 41.48 -11.38 -2.94
O2 SO4 T . 42.52 -12.51 -1.11
O3 SO4 T . 41.49 -10.38 -0.77
O4 SO4 T . 43.52 -10.54 -2.02
C1 EDO U . 2.28 -0.31 -2.61
O1 EDO U . 2.11 1.06 -2.24
C2 EDO U . 3.52 -0.50 -3.48
O2 EDO U . 4.69 0.01 -2.82
C1 EDO V . -5.38 -3.30 -30.55
O1 EDO V . -6.47 -4.13 -30.13
C2 EDO V . -4.06 -3.99 -30.23
O2 EDO V . -2.97 -3.14 -30.58
C1 EDO W . -16.49 8.30 0.97
O1 EDO W . -17.80 7.74 0.79
C2 EDO W . -16.23 9.40 -0.04
O2 EDO W . -17.09 10.53 0.24
C1 EDO X . -15.91 4.14 -1.96
O1 EDO X . -16.14 5.38 -2.67
C2 EDO X . -14.77 3.29 -2.56
O2 EDO X . -15.08 2.51 -3.76
#